data_1IV2
#
_entry.id   1IV2
#
_cell.length_a   106.097
_cell.length_b   106.097
_cell.length_c   149.112
_cell.angle_alpha   90.00
_cell.angle_beta   90.00
_cell.angle_gamma   90.00
#
_symmetry.space_group_name_H-M   'P 41 21 2'
#
loop_
_entity.id
_entity.type
_entity.pdbx_description
1 polymer '2-C-methyl-D-erythritol 2,4-cyclodiphosphate synthase'
2 non-polymer 'MAGNESIUM ION'
3 non-polymer "CYTIDINE-5'-DIPHOSPHATE"
4 water water
#
_entity_poly.entity_id   1
_entity_poly.type   'polypeptide(L)'
_entity_poly.pdbx_seq_one_letter_code
;MRIGYGEDSHRLEEGRPLYLCGLLIPSPVGALAHSDGDAAMHALTDALLSAYGLGDIGLLFPDTDPRWRGERSEVFLREA
MRLVEARGAKLLQASLVLTLDRPKLGPHRKALVDSLSRLMRLPQDRIGLTFKTSEGLAPSHVQARAVVLLDG
;
_entity_poly.pdbx_strand_id   A,B,C,D,E,F
#
loop_
_chem_comp.id
_chem_comp.type
_chem_comp.name
_chem_comp.formula
CDP non-polymer CYTIDINE-5'-DIPHOSPHATE 'C9 H15 N3 O11 P2'
MG non-polymer 'MAGNESIUM ION' 'Mg 2'
#
# COMPACT_ATOMS: atom_id res chain seq x y z
N ARG A 2 18.54 5.73 -28.53
CA ARG A 2 17.29 5.95 -29.25
C ARG A 2 16.07 5.99 -28.33
N ILE A 3 15.09 6.82 -28.70
CA ILE A 3 13.88 6.96 -27.90
C ILE A 3 12.69 6.88 -28.86
N GLY A 4 11.57 6.42 -28.31
CA GLY A 4 10.35 6.50 -29.10
C GLY A 4 9.18 6.79 -28.17
N TYR A 5 8.20 7.50 -28.71
CA TYR A 5 7.01 7.87 -27.93
C TYR A 5 5.76 7.43 -28.69
N GLY A 6 4.81 6.79 -28.02
CA GLY A 6 3.60 6.33 -28.69
C GLY A 6 2.38 6.48 -27.79
N GLU A 7 1.22 6.60 -28.43
CA GLU A 7 -0.06 6.74 -27.74
C GLU A 7 -1.11 5.82 -28.35
N ASP A 8 -2.18 5.57 -27.64
CA ASP A 8 -3.33 4.84 -28.16
C ASP A 8 -4.50 5.08 -27.22
N SER A 9 -5.68 4.98 -27.81
CA SER A 9 -6.86 5.03 -26.97
C SER A 9 -7.96 4.19 -27.62
N HIS A 10 -8.87 3.69 -26.76
CA HIS A 10 -10.02 2.96 -27.29
C HIS A 10 -11.23 3.37 -26.45
N ARG A 11 -12.37 3.45 -27.13
CA ARG A 11 -13.65 3.56 -26.43
C ARG A 11 -13.90 2.25 -25.68
N LEU A 12 -14.45 2.42 -24.48
CA LEU A 12 -14.85 1.28 -23.62
C LEU A 12 -16.39 1.12 -23.65
N GLU A 13 -16.82 -0.12 -23.83
CA GLU A 13 -18.21 -0.52 -23.83
C GLU A 13 -18.45 -1.64 -22.84
N GLU A 14 -19.59 -1.53 -22.14
CA GLU A 14 -20.03 -2.58 -21.23
C GLU A 14 -20.14 -3.94 -21.92
N GLY A 15 -19.72 -4.95 -21.15
CA GLY A 15 -19.80 -6.34 -21.52
C GLY A 15 -18.85 -6.73 -22.64
N ARG A 16 -17.79 -6.00 -22.95
CA ARG A 16 -16.79 -6.44 -23.92
C ARG A 16 -15.53 -6.88 -23.20
N PRO A 17 -14.78 -7.85 -23.69
CA PRO A 17 -13.54 -8.21 -22.99
C PRO A 17 -12.54 -7.06 -23.00
N LEU A 18 -11.79 -6.99 -21.90
CA LEU A 18 -10.78 -5.95 -21.77
C LEU A 18 -9.43 -6.61 -21.91
N TYR A 19 -8.61 -6.22 -22.86
CA TYR A 19 -7.25 -6.68 -23.04
C TYR A 19 -6.29 -5.55 -22.75
N LEU A 20 -5.36 -5.76 -21.83
CA LEU A 20 -4.29 -4.83 -21.50
C LEU A 20 -2.96 -5.55 -21.27
N CYS A 21 -1.91 -5.02 -21.90
CA CYS A 21 -0.58 -5.61 -21.75
C CYS A 21 -0.57 -7.08 -22.20
N GLY A 22 -1.41 -7.46 -23.14
CA GLY A 22 -1.47 -8.83 -23.60
C GLY A 22 -2.33 -9.77 -22.78
N LEU A 23 -2.92 -9.31 -21.67
CA LEU A 23 -3.77 -10.13 -20.83
C LEU A 23 -5.27 -9.81 -20.91
N LEU A 24 -6.10 -10.80 -20.62
CA LEU A 24 -7.52 -10.61 -20.41
C LEU A 24 -7.72 -10.11 -18.97
N ILE A 25 -8.29 -8.92 -18.81
CA ILE A 25 -8.59 -8.41 -17.48
C ILE A 25 -10.09 -8.38 -17.19
N PRO A 26 -10.54 -9.15 -16.19
CA PRO A 26 -11.97 -9.20 -15.86
C PRO A 26 -12.43 -7.77 -15.56
N SER A 27 -13.52 -7.40 -16.20
CA SER A 27 -13.95 -6.02 -16.23
C SER A 27 -15.41 -5.92 -16.63
N PRO A 28 -16.13 -4.94 -16.12
CA PRO A 28 -17.48 -4.65 -16.65
C PRO A 28 -17.45 -4.06 -18.05
N VAL A 29 -16.32 -3.52 -18.53
CA VAL A 29 -16.21 -2.83 -19.79
C VAL A 29 -14.97 -3.30 -20.55
N GLY A 30 -14.98 -3.16 -21.85
CA GLY A 30 -13.85 -3.53 -22.68
C GLY A 30 -13.86 -2.75 -23.98
N ALA A 31 -12.80 -2.87 -24.76
CA ALA A 31 -12.68 -2.02 -25.93
C ALA A 31 -13.73 -2.40 -26.98
N LEU A 32 -14.22 -1.29 -27.52
CA LEU A 32 -15.04 -1.31 -28.70
C LEU A 32 -14.10 -1.03 -29.86
N ALA A 33 -13.82 -2.03 -30.69
CA ALA A 33 -12.83 -1.71 -31.73
C ALA A 33 -12.69 -2.85 -32.72
N HIS A 34 -11.97 -2.63 -33.82
CA HIS A 34 -11.78 -3.75 -34.76
C HIS A 34 -10.60 -4.59 -34.32
N SER A 35 -9.65 -4.05 -33.56
CA SER A 35 -8.60 -4.85 -32.94
C SER A 35 -9.07 -5.39 -31.59
N ASP A 36 -8.14 -5.90 -30.77
CA ASP A 36 -8.47 -6.29 -29.40
C ASP A 36 -8.51 -5.06 -28.50
N GLY A 37 -8.14 -3.93 -29.09
CA GLY A 37 -8.18 -2.67 -28.36
C GLY A 37 -7.20 -2.60 -27.22
N ASP A 38 -6.16 -3.44 -27.24
CA ASP A 38 -5.15 -3.40 -26.19
C ASP A 38 -4.31 -2.12 -26.27
N ALA A 39 -4.77 -1.05 -25.62
CA ALA A 39 -4.13 0.26 -25.68
C ALA A 39 -2.65 0.21 -25.29
N ALA A 40 -2.35 -0.64 -24.29
CA ALA A 40 -0.97 -0.77 -23.79
C ALA A 40 -0.06 -1.30 -24.91
N MET A 41 -0.54 -2.35 -25.53
CA MET A 41 0.38 -2.95 -26.64
C MET A 41 0.43 -1.91 -27.71
N HIS A 42 -0.72 -1.36 -28.14
CA HIS A 42 -0.64 -0.48 -29.31
C HIS A 42 0.36 0.65 -29.09
N ALA A 43 0.26 1.31 -27.94
CA ALA A 43 1.14 2.44 -27.64
C ALA A 43 2.61 2.04 -27.68
N LEU A 44 2.92 0.92 -27.01
CA LEU A 44 4.27 0.40 -26.98
C LEU A 44 4.73 0.07 -28.41
N THR A 45 3.82 -0.50 -29.21
CA THR A 45 4.25 -0.89 -30.56
C THR A 45 4.61 0.35 -31.36
N ASP A 46 3.72 1.35 -31.29
CA ASP A 46 4.00 2.58 -32.01
C ASP A 46 5.28 3.23 -31.50
N ALA A 47 5.55 3.17 -30.19
CA ALA A 47 6.75 3.81 -29.64
C ALA A 47 8.00 3.15 -30.24
N LEU A 48 8.00 1.83 -30.27
CA LEU A 48 9.11 1.08 -30.89
C LEU A 48 9.31 1.46 -32.34
N LEU A 49 8.25 1.40 -33.15
CA LEU A 49 8.33 1.75 -34.58
C LEU A 49 8.86 3.18 -34.71
N SER A 50 8.33 4.06 -33.86
CA SER A 50 8.72 5.48 -33.87
C SER A 50 10.22 5.69 -33.65
N ALA A 51 10.80 4.86 -32.79
CA ALA A 51 12.22 4.95 -32.45
C ALA A 51 13.10 4.71 -33.67
N TYR A 52 12.57 4.02 -34.66
CA TYR A 52 13.33 3.87 -35.90
C TYR A 52 12.67 4.54 -37.09
N GLY A 53 11.63 5.35 -36.88
CA GLY A 53 11.05 6.05 -38.02
C GLY A 53 10.30 5.09 -38.94
N LEU A 54 9.86 3.94 -38.42
CA LEU A 54 9.35 2.89 -39.29
C LEU A 54 7.89 3.05 -39.67
N GLY A 55 7.19 3.96 -39.02
CA GLY A 55 5.78 4.14 -39.35
C GLY A 55 4.93 4.03 -38.10
N ASP A 56 3.72 3.50 -38.29
CA ASP A 56 2.88 3.28 -37.13
C ASP A 56 2.07 2.02 -37.37
N ILE A 57 1.27 1.62 -36.40
CA ILE A 57 0.68 0.29 -36.52
C ILE A 57 -0.36 0.23 -37.63
N GLY A 58 -0.86 1.41 -37.97
CA GLY A 58 -1.86 1.51 -39.04
C GLY A 58 -1.19 1.27 -40.38
N LEU A 59 0.05 1.74 -40.50
CA LEU A 59 0.81 1.50 -41.72
C LEU A 59 1.27 0.05 -41.79
N LEU A 60 1.82 -0.49 -40.71
CA LEU A 60 2.51 -1.79 -40.86
C LEU A 60 1.61 -2.98 -40.60
N PHE A 61 0.51 -2.80 -39.87
CA PHE A 61 -0.35 -3.91 -39.51
C PHE A 61 -1.80 -3.60 -39.80
N PRO A 62 -2.15 -3.18 -41.00
CA PRO A 62 -3.54 -2.77 -41.25
C PRO A 62 -4.39 -4.02 -41.43
N ASP A 63 -5.69 -3.94 -41.17
CA ASP A 63 -6.43 -5.21 -41.23
C ASP A 63 -6.82 -5.56 -42.65
N THR A 64 -6.44 -4.77 -43.65
CA THR A 64 -6.59 -5.20 -45.04
C THR A 64 -5.44 -6.15 -45.41
N ASP A 65 -4.47 -6.32 -44.52
CA ASP A 65 -3.36 -7.24 -44.75
C ASP A 65 -3.64 -8.55 -44.04
N PRO A 66 -3.91 -9.61 -44.80
CA PRO A 66 -4.28 -10.93 -44.26
C PRO A 66 -3.33 -11.48 -43.20
N ARG A 67 -2.10 -10.98 -43.17
CA ARG A 67 -1.17 -11.42 -42.13
C ARG A 67 -1.54 -10.93 -40.74
N TRP A 68 -2.18 -9.76 -40.72
CA TRP A 68 -2.37 -9.09 -39.44
C TRP A 68 -3.81 -9.02 -38.97
N ARG A 69 -4.75 -9.11 -39.90
CA ARG A 69 -6.15 -8.97 -39.50
C ARG A 69 -6.51 -10.07 -38.50
N GLY A 70 -7.18 -9.67 -37.43
CA GLY A 70 -7.70 -10.54 -36.40
C GLY A 70 -6.68 -11.08 -35.42
N GLU A 71 -5.41 -10.72 -35.57
CA GLU A 71 -4.33 -11.18 -34.70
C GLU A 71 -4.34 -10.43 -33.37
N ARG A 72 -3.95 -11.08 -32.28
CA ARG A 72 -3.82 -10.32 -31.03
C ARG A 72 -2.71 -9.29 -31.14
N SER A 73 -2.79 -8.24 -30.35
CA SER A 73 -1.81 -7.16 -30.51
C SER A 73 -0.38 -7.51 -30.13
N GLU A 74 -0.16 -8.55 -29.32
CA GLU A 74 1.19 -9.01 -29.04
C GLU A 74 1.95 -9.41 -30.30
N VAL A 75 1.17 -9.86 -31.30
CA VAL A 75 1.79 -10.28 -32.55
C VAL A 75 2.49 -9.07 -33.17
N PHE A 76 1.77 -7.96 -33.15
CA PHE A 76 2.29 -6.72 -33.73
C PHE A 76 3.51 -6.25 -32.94
N LEU A 77 3.41 -6.34 -31.61
CA LEU A 77 4.52 -5.90 -30.77
C LEU A 77 5.77 -6.73 -31.08
N ARG A 78 5.61 -8.05 -31.11
CA ARG A 78 6.80 -8.84 -31.41
C ARG A 78 7.37 -8.53 -32.78
N GLU A 79 6.51 -8.26 -33.79
CA GLU A 79 7.04 -7.94 -35.11
C GLU A 79 7.78 -6.60 -35.07
N ALA A 80 7.25 -5.58 -34.37
CA ALA A 80 7.99 -4.33 -34.21
C ALA A 80 9.34 -4.59 -33.56
N MET A 81 9.36 -5.49 -32.57
CA MET A 81 10.84 -5.68 -32.04
C MET A 81 11.70 -6.43 -32.99
N ARG A 82 11.11 -7.37 -33.75
CA ARG A 82 11.91 -8.08 -34.76
C ARG A 82 12.46 -7.04 -35.73
N LEU A 83 11.62 -6.07 -36.15
CA LEU A 83 12.08 -5.03 -37.06
C LEU A 83 13.14 -4.11 -36.48
N VAL A 84 13.03 -3.67 -35.22
CA VAL A 84 14.07 -2.76 -34.73
C VAL A 84 15.38 -3.51 -34.48
N GLU A 85 15.27 -4.73 -33.95
CA GLU A 85 16.41 -5.59 -33.63
C GLU A 85 17.21 -5.80 -34.92
N ALA A 86 16.46 -6.02 -36.00
CA ALA A 86 17.13 -6.29 -37.29
C ALA A 86 17.92 -5.08 -37.74
N ARG A 87 17.55 -3.89 -37.27
CA ARG A 87 18.27 -2.67 -37.58
C ARG A 87 19.28 -2.29 -36.50
N GLY A 88 19.55 -3.24 -35.62
CA GLY A 88 20.58 -3.18 -34.62
C GLY A 88 20.12 -2.80 -33.23
N ALA A 89 18.84 -2.45 -33.02
CA ALA A 89 18.48 -1.96 -31.69
C ALA A 89 18.51 -3.02 -30.60
N LYS A 90 18.74 -2.54 -29.37
CA LYS A 90 18.58 -3.36 -28.18
C LYS A 90 17.64 -2.61 -27.24
N LEU A 91 16.45 -3.16 -27.04
CA LEU A 91 15.51 -2.46 -26.16
C LEU A 91 16.04 -2.50 -24.74
N LEU A 92 15.91 -1.37 -24.05
CA LEU A 92 16.41 -1.17 -22.72
C LEU A 92 15.36 -0.95 -21.66
N GLN A 93 14.35 -0.17 -22.04
CA GLN A 93 13.38 0.27 -21.04
C GLN A 93 12.06 0.66 -21.70
N ALA A 94 10.97 0.40 -21.01
CA ALA A 94 9.64 0.84 -21.44
C ALA A 94 8.92 1.48 -20.23
N SER A 95 8.44 2.70 -20.36
CA SER A 95 7.70 3.32 -19.26
C SER A 95 6.39 3.84 -19.83
N LEU A 96 5.28 3.39 -19.23
CA LEU A 96 4.03 3.83 -19.84
C LEU A 96 2.98 4.05 -18.77
N VAL A 97 1.94 4.78 -19.14
CA VAL A 97 0.86 5.14 -18.21
C VAL A 97 -0.46 4.68 -18.80
N LEU A 98 -1.29 3.95 -18.09
CA LEU A 98 -2.62 3.63 -18.57
C LEU A 98 -3.65 4.44 -17.76
N THR A 99 -4.52 5.09 -18.50
CA THR A 99 -5.55 5.95 -17.93
C THR A 99 -6.93 5.35 -18.22
N LEU A 100 -7.61 4.97 -17.17
CA LEU A 100 -8.98 4.44 -17.28
C LEU A 100 -9.63 4.50 -15.89
N ASP A 101 -10.93 4.75 -15.87
CA ASP A 101 -11.59 4.91 -14.58
C ASP A 101 -11.80 3.55 -13.92
N ARG A 102 -12.18 2.56 -14.72
CA ARG A 102 -12.46 1.24 -14.17
C ARG A 102 -12.11 0.22 -15.26
N PRO A 103 -11.74 -1.00 -14.90
CA PRO A 103 -11.64 -1.46 -13.51
C PRO A 103 -10.33 -1.00 -12.91
N LYS A 104 -10.21 -1.21 -11.61
CA LYS A 104 -8.94 -1.00 -10.94
C LYS A 104 -7.89 -1.95 -11.49
N LEU A 105 -6.72 -1.44 -11.88
CA LEU A 105 -5.70 -2.38 -12.33
C LEU A 105 -4.76 -2.78 -11.22
N GLY A 106 -4.74 -2.11 -10.07
CA GLY A 106 -3.89 -2.51 -8.96
C GLY A 106 -3.80 -3.98 -8.62
N PRO A 107 -4.92 -4.70 -8.50
CA PRO A 107 -4.88 -6.11 -8.15
C PRO A 107 -4.30 -6.96 -9.29
N HIS A 108 -4.07 -6.38 -10.46
CA HIS A 108 -3.48 -7.08 -11.59
C HIS A 108 -2.09 -6.60 -11.96
N ARG A 109 -1.57 -5.67 -11.17
CA ARG A 109 -0.25 -5.08 -11.41
C ARG A 109 0.83 -6.12 -11.66
N LYS A 110 0.95 -7.11 -10.79
CA LYS A 110 1.99 -8.12 -10.88
C LYS A 110 1.89 -8.83 -12.22
N ALA A 111 0.66 -9.27 -12.53
CA ALA A 111 0.41 -10.00 -13.76
C ALA A 111 0.77 -9.11 -14.94
N LEU A 112 0.30 -7.87 -14.87
CA LEU A 112 0.52 -6.95 -15.97
C LEU A 112 2.01 -6.70 -16.20
N VAL A 113 2.74 -6.45 -15.12
CA VAL A 113 4.18 -6.17 -15.28
C VAL A 113 4.92 -7.42 -15.72
N ASP A 114 4.51 -8.57 -15.21
CA ASP A 114 5.16 -9.83 -15.62
C ASP A 114 5.02 -10.04 -17.12
N SER A 115 3.83 -9.74 -17.65
CA SER A 115 3.53 -9.90 -19.07
C SER A 115 4.41 -9.01 -19.93
N LEU A 116 4.46 -7.70 -19.60
CA LEU A 116 5.36 -6.83 -20.35
C LEU A 116 6.80 -7.33 -20.27
N SER A 117 7.15 -7.83 -19.08
CA SER A 117 8.56 -8.23 -18.91
C SER A 117 8.92 -9.37 -19.83
N ARG A 118 7.98 -10.31 -19.88
CA ARG A 118 8.12 -11.50 -20.74
C ARG A 118 8.08 -11.17 -22.22
N LEU A 119 7.07 -10.43 -22.66
CA LEU A 119 6.90 -10.08 -24.06
C LEU A 119 8.09 -9.28 -24.56
N MET A 120 8.56 -8.31 -23.77
CA MET A 120 9.69 -7.45 -24.21
C MET A 120 11.13 -7.89 -23.86
N ARG A 121 11.13 -8.95 -23.06
CA ARG A 121 12.39 -9.53 -22.61
C ARG A 121 13.14 -8.46 -21.83
N LEU A 122 12.40 -7.79 -20.93
CA LEU A 122 13.10 -6.81 -20.10
C LEU A 122 12.96 -7.21 -18.63
N PRO A 123 13.97 -6.84 -17.86
CA PRO A 123 13.92 -7.10 -16.43
C PRO A 123 12.84 -6.21 -15.83
N GLN A 124 12.24 -6.68 -14.75
CA GLN A 124 11.07 -5.92 -14.26
C GLN A 124 11.39 -4.52 -13.79
N ASP A 125 12.62 -4.22 -13.43
CA ASP A 125 12.94 -2.85 -13.01
C ASP A 125 13.06 -1.93 -14.21
N ARG A 126 12.96 -2.54 -15.40
CA ARG A 126 12.99 -1.78 -16.63
C ARG A 126 11.62 -1.74 -17.29
N ILE A 127 10.62 -2.21 -16.54
CA ILE A 127 9.24 -2.03 -16.95
C ILE A 127 8.57 -1.01 -16.03
N GLY A 128 8.25 0.17 -16.56
CA GLY A 128 7.67 1.19 -15.68
C GLY A 128 6.21 1.33 -16.07
N LEU A 129 5.35 0.74 -15.24
CA LEU A 129 3.91 0.77 -15.51
C LEU A 129 3.18 1.52 -14.42
N THR A 130 2.45 2.58 -14.76
CA THR A 130 1.64 3.26 -13.77
C THR A 130 0.21 3.41 -14.27
N PHE A 131 -0.72 3.58 -13.30
CA PHE A 131 -2.14 3.63 -13.62
C PHE A 131 -2.78 4.96 -13.16
N LYS A 132 -3.63 5.55 -13.95
CA LYS A 132 -4.35 6.76 -13.50
C LYS A 132 -5.85 6.56 -13.78
N THR A 133 -6.70 7.22 -12.99
CA THR A 133 -8.07 7.38 -13.49
C THR A 133 -8.10 8.63 -14.37
N SER A 134 -9.20 8.90 -15.08
CA SER A 134 -9.29 10.09 -15.90
C SER A 134 -9.83 11.29 -15.11
N GLU A 135 -10.22 11.06 -13.86
CA GLU A 135 -10.77 12.12 -13.01
C GLU A 135 -11.95 12.79 -13.72
N GLY A 136 -12.68 11.99 -14.49
CA GLY A 136 -13.88 12.44 -15.14
C GLY A 136 -13.71 13.03 -16.52
N LEU A 137 -12.49 13.22 -16.99
CA LEU A 137 -12.17 13.69 -18.32
C LEU A 137 -12.53 12.72 -19.45
N ALA A 138 -12.31 11.43 -19.26
CA ALA A 138 -12.50 10.41 -20.29
C ALA A 138 -13.01 9.12 -19.68
N PRO A 139 -14.26 9.11 -19.20
CA PRO A 139 -14.82 8.01 -18.43
C PRO A 139 -15.19 6.79 -19.25
N SER A 140 -15.20 6.94 -20.58
CA SER A 140 -15.54 5.75 -21.35
C SER A 140 -14.38 5.34 -22.25
N HIS A 141 -13.18 5.83 -21.92
CA HIS A 141 -12.01 5.49 -22.73
C HIS A 141 -10.92 4.85 -21.88
N VAL A 142 -10.14 3.97 -22.51
CA VAL A 142 -8.84 3.58 -21.98
C VAL A 142 -7.79 4.36 -22.77
N GLN A 143 -6.81 4.98 -22.10
CA GLN A 143 -5.76 5.70 -22.82
C GLN A 143 -4.40 5.14 -22.43
N ALA A 144 -3.44 5.13 -23.36
CA ALA A 144 -2.10 4.68 -23.04
C ALA A 144 -1.09 5.60 -23.70
N ARG A 145 -0.02 5.91 -22.96
CA ARG A 145 1.05 6.75 -23.53
C ARG A 145 2.35 6.11 -23.09
N ALA A 146 3.29 5.93 -24.00
CA ALA A 146 4.46 5.15 -23.68
C ALA A 146 5.72 5.79 -24.23
N VAL A 147 6.82 5.63 -23.50
CA VAL A 147 8.16 6.00 -23.98
C VAL A 147 9.02 4.75 -23.97
N VAL A 148 9.84 4.56 -24.99
CA VAL A 148 10.81 3.48 -24.98
C VAL A 148 12.19 4.10 -25.19
N LEU A 149 13.14 3.36 -24.65
CA LEU A 149 14.56 3.63 -24.67
C LEU A 149 15.31 2.43 -25.25
N LEU A 150 16.20 2.65 -26.20
CA LEU A 150 16.91 1.53 -26.81
C LEU A 150 18.39 1.86 -27.00
N ASP A 151 19.23 0.88 -26.78
CA ASP A 151 20.66 0.71 -26.91
C ASP A 151 21.39 0.88 -25.58
N ARG B 2 18.44 5.77 -17.75
CA ARG B 2 17.08 5.41 -17.37
C ARG B 2 16.13 6.59 -17.64
N ILE B 3 14.92 6.20 -18.04
CA ILE B 3 13.83 7.10 -18.35
C ILE B 3 12.58 6.64 -17.58
N GLY B 4 11.79 7.65 -17.25
CA GLY B 4 10.52 7.48 -16.58
C GLY B 4 9.50 8.48 -17.14
N TYR B 5 8.26 8.03 -17.30
CA TYR B 5 7.14 8.81 -17.84
C TYR B 5 5.96 8.73 -16.89
N GLY B 6 5.34 9.86 -16.55
CA GLY B 6 4.27 9.90 -15.58
C GLY B 6 3.19 10.88 -15.97
N GLU B 7 1.96 10.65 -15.54
CA GLU B 7 0.89 11.58 -15.88
C GLU B 7 0.05 11.83 -14.61
N ASP B 8 -0.62 12.98 -14.59
CA ASP B 8 -1.63 13.21 -13.56
C ASP B 8 -2.63 14.24 -14.06
N SER B 9 -3.86 14.10 -13.59
CA SER B 9 -4.87 15.11 -13.87
C SER B 9 -5.71 15.33 -12.62
N HIS B 10 -6.26 16.51 -12.43
CA HIS B 10 -7.21 16.77 -11.35
C HIS B 10 -8.29 17.73 -11.80
N ARG B 11 -9.49 17.49 -11.28
CA ARG B 11 -10.62 18.39 -11.48
C ARG B 11 -10.36 19.68 -10.70
N LEU B 12 -10.68 20.79 -11.31
CA LEU B 12 -10.56 22.11 -10.72
C LEU B 12 -11.99 22.57 -10.39
N GLU B 13 -12.16 23.20 -9.23
CA GLU B 13 -13.46 23.75 -8.86
C GLU B 13 -13.20 25.18 -8.42
N GLU B 14 -14.17 26.07 -8.58
CA GLU B 14 -14.00 27.44 -8.10
C GLU B 14 -13.79 27.54 -6.58
N GLY B 15 -12.91 28.45 -6.15
CA GLY B 15 -12.87 28.76 -4.75
C GLY B 15 -12.02 27.80 -3.96
N ARG B 16 -11.28 26.88 -4.57
CA ARG B 16 -10.36 25.99 -3.87
C ARG B 16 -8.90 26.39 -4.17
N PRO B 17 -8.04 26.24 -3.18
CA PRO B 17 -6.62 26.57 -3.37
C PRO B 17 -6.00 25.71 -4.45
N LEU B 18 -5.05 26.31 -5.17
CA LEU B 18 -4.37 25.62 -6.25
C LEU B 18 -2.90 25.41 -5.89
N TYR B 19 -2.45 24.18 -5.92
CA TYR B 19 -1.07 23.79 -5.66
C TYR B 19 -0.43 23.23 -6.93
N LEU B 20 0.67 23.85 -7.34
CA LEU B 20 1.45 23.37 -8.49
C LEU B 20 2.94 23.46 -8.21
N CYS B 21 3.69 22.42 -8.56
CA CYS B 21 5.13 22.34 -8.33
C CYS B 21 5.50 22.65 -6.89
N GLY B 22 4.62 22.31 -5.95
CA GLY B 22 4.97 22.51 -4.54
C GLY B 22 4.51 23.84 -3.98
N LEU B 23 3.97 24.74 -4.80
CA LEU B 23 3.66 26.11 -4.43
C LEU B 23 2.16 26.37 -4.42
N LEU B 24 1.69 27.18 -3.47
CA LEU B 24 0.37 27.79 -3.49
C LEU B 24 0.31 28.85 -4.59
N ILE B 25 -0.57 28.68 -5.58
CA ILE B 25 -0.66 29.67 -6.66
C ILE B 25 -1.99 30.41 -6.59
N PRO B 26 -2.01 31.74 -6.45
CA PRO B 26 -3.29 32.44 -6.34
C PRO B 26 -4.12 32.16 -7.57
N SER B 27 -5.39 31.85 -7.39
CA SER B 27 -6.23 31.30 -8.44
C SER B 27 -7.72 31.38 -8.15
N PRO B 28 -8.57 31.56 -9.15
CA PRO B 28 -10.02 31.43 -8.94
C PRO B 28 -10.45 29.97 -8.87
N VAL B 29 -9.55 29.02 -9.17
CA VAL B 29 -9.88 27.61 -9.15
C VAL B 29 -8.74 26.78 -8.56
N GLY B 30 -9.16 25.61 -8.06
CA GLY B 30 -8.21 24.73 -7.42
C GLY B 30 -8.66 23.30 -7.39
N ALA B 31 -7.72 22.43 -6.98
CA ALA B 31 -8.00 21.01 -7.14
C ALA B 31 -9.18 20.63 -6.25
N LEU B 32 -10.02 19.81 -6.85
CA LEU B 32 -11.09 19.10 -6.18
C LEU B 32 -10.62 17.67 -5.98
N ALA B 33 -10.03 17.34 -4.84
CA ALA B 33 -9.40 16.02 -4.67
C ALA B 33 -9.18 15.67 -3.20
N HIS B 34 -8.93 14.41 -2.83
CA HIS B 34 -8.60 14.16 -1.43
C HIS B 34 -7.13 14.45 -1.14
N SER B 35 -6.30 14.55 -2.17
CA SER B 35 -4.91 15.01 -2.06
C SER B 35 -4.84 16.52 -2.26
N ASP B 36 -3.66 17.16 -2.29
CA ASP B 36 -3.60 18.58 -2.63
C ASP B 36 -3.84 18.79 -4.13
N GLY B 37 -3.92 17.69 -4.88
CA GLY B 37 -4.23 17.80 -6.30
C GLY B 37 -3.08 18.36 -7.11
N ASP B 38 -1.88 18.42 -6.53
CA ASP B 38 -0.75 19.00 -7.25
C ASP B 38 -0.29 18.06 -8.37
N ALA B 39 -0.81 18.26 -9.57
CA ALA B 39 -0.60 17.37 -10.72
C ALA B 39 0.85 17.35 -11.19
N ALA B 40 1.59 18.46 -11.06
CA ALA B 40 3.03 18.44 -11.36
C ALA B 40 3.79 17.51 -10.42
N MET B 41 3.59 17.62 -9.12
CA MET B 41 4.17 16.76 -8.17
C MET B 41 3.84 15.38 -8.45
N HIS B 42 2.57 14.98 -8.61
CA HIS B 42 2.18 13.58 -8.83
C HIS B 42 2.80 13.00 -10.10
N ALA B 43 2.76 13.78 -11.17
CA ALA B 43 3.28 13.19 -12.42
C ALA B 43 4.78 12.94 -12.36
N LEU B 44 5.49 13.89 -11.76
CA LEU B 44 6.93 13.73 -11.58
C LEU B 44 7.24 12.54 -10.67
N THR B 45 6.40 12.39 -9.64
CA THR B 45 6.58 11.30 -8.68
C THR B 45 6.38 9.97 -9.39
N ASP B 46 5.35 9.90 -10.21
CA ASP B 46 5.06 8.65 -10.95
C ASP B 46 6.18 8.38 -11.95
N ALA B 47 6.68 9.42 -12.60
CA ALA B 47 7.82 9.24 -13.53
C ALA B 47 9.04 8.68 -12.85
N LEU B 48 9.37 9.22 -11.68
CA LEU B 48 10.52 8.69 -10.94
C LEU B 48 10.33 7.25 -10.54
N LEU B 49 9.13 6.92 -10.01
CA LEU B 49 8.89 5.53 -9.61
C LEU B 49 8.95 4.62 -10.84
N SER B 50 8.38 5.12 -11.93
CA SER B 50 8.34 4.36 -13.19
C SER B 50 9.73 4.00 -13.72
N ALA B 51 10.65 4.94 -13.59
CA ALA B 51 12.04 4.74 -14.03
C ALA B 51 12.72 3.54 -13.38
N TYR B 52 12.21 3.09 -12.24
CA TYR B 52 12.74 1.91 -11.55
C TYR B 52 11.68 0.84 -11.37
N GLY B 53 10.56 0.95 -12.08
CA GLY B 53 9.52 -0.07 -12.00
C GLY B 53 9.03 -0.26 -10.59
N LEU B 54 9.08 0.79 -9.76
CA LEU B 54 8.71 0.66 -8.35
C LEU B 54 7.21 0.66 -8.13
N GLY B 55 6.39 1.00 -9.13
CA GLY B 55 4.94 1.00 -8.86
C GLY B 55 4.38 2.36 -9.23
N ASP B 56 3.39 2.83 -8.48
CA ASP B 56 2.91 4.21 -8.72
C ASP B 56 2.48 4.84 -7.40
N ILE B 57 2.10 6.12 -7.44
CA ILE B 57 1.81 6.86 -6.21
C ILE B 57 0.68 6.27 -5.40
N GLY B 58 -0.27 5.63 -6.08
CA GLY B 58 -1.42 5.04 -5.41
C GLY B 58 -1.02 3.79 -4.66
N LEU B 59 -0.04 3.10 -5.23
CA LEU B 59 0.51 1.92 -4.58
C LEU B 59 1.41 2.27 -3.40
N LEU B 60 2.21 3.33 -3.55
CA LEU B 60 3.24 3.66 -2.57
C LEU B 60 2.78 4.69 -1.57
N PHE B 61 1.81 5.53 -1.95
CA PHE B 61 1.35 6.58 -1.03
C PHE B 61 -0.14 6.55 -0.77
N PRO B 62 -0.67 5.44 -0.23
CA PRO B 62 -2.11 5.33 0.01
C PRO B 62 -2.51 6.13 1.23
N ASP B 63 -3.65 6.82 1.19
CA ASP B 63 -3.89 7.79 2.29
C ASP B 63 -4.33 7.02 3.53
N THR B 64 -4.69 5.76 3.30
CA THR B 64 -4.94 4.78 4.35
C THR B 64 -3.72 4.67 5.27
N ASP B 65 -2.55 4.92 4.70
CA ASP B 65 -1.28 4.94 5.39
C ASP B 65 -1.08 6.27 6.10
N PRO B 66 -1.02 6.17 7.43
CA PRO B 66 -0.73 7.27 8.33
C PRO B 66 0.47 8.13 7.98
N ARG B 67 1.46 7.61 7.26
CA ARG B 67 2.62 8.46 6.99
C ARG B 67 2.35 9.47 5.88
N TRP B 68 1.40 9.13 4.98
CA TRP B 68 1.17 9.94 3.81
C TRP B 68 -0.18 10.65 3.86
N ARG B 69 -1.07 10.15 4.70
CA ARG B 69 -2.41 10.75 4.70
C ARG B 69 -2.38 12.23 5.07
N GLY B 70 -3.06 13.07 4.30
CA GLY B 70 -3.15 14.49 4.67
C GLY B 70 -1.93 15.32 4.34
N GLU B 71 -0.87 14.71 3.84
CA GLU B 71 0.42 15.39 3.65
C GLU B 71 0.50 16.05 2.29
N ARG B 72 1.35 17.07 2.14
CA ARG B 72 1.37 17.68 0.80
C ARG B 72 2.21 16.83 -0.14
N SER B 73 2.03 16.99 -1.44
CA SER B 73 2.59 16.04 -2.39
C SER B 73 4.10 16.05 -2.46
N GLU B 74 4.74 17.14 -2.06
CA GLU B 74 6.19 17.19 -2.06
C GLU B 74 6.76 16.08 -1.18
N VAL B 75 6.01 15.68 -0.16
CA VAL B 75 6.50 14.56 0.69
C VAL B 75 6.63 13.28 -0.13
N PHE B 76 5.66 13.08 -1.02
CA PHE B 76 5.72 11.86 -1.82
C PHE B 76 6.88 11.95 -2.80
N LEU B 77 7.09 13.13 -3.38
CA LEU B 77 8.20 13.22 -4.34
C LEU B 77 9.54 12.97 -3.68
N ARG B 78 9.73 13.57 -2.50
CA ARG B 78 11.01 13.33 -1.83
C ARG B 78 11.16 11.89 -1.44
N GLU B 79 10.08 11.22 -1.05
CA GLU B 79 10.24 9.78 -0.79
C GLU B 79 10.62 9.01 -2.06
N ALA B 80 9.95 9.31 -3.18
CA ALA B 80 10.29 8.67 -4.45
C ALA B 80 11.77 8.90 -4.76
N MET B 81 12.21 10.15 -4.66
CA MET B 81 13.69 10.36 -4.92
C MET B 81 14.60 9.55 -3.89
N ARG B 82 14.17 9.48 -2.64
CA ARG B 82 14.89 8.65 -1.68
C ARG B 82 15.03 7.21 -2.16
N LEU B 83 13.88 6.68 -2.60
CA LEU B 83 13.83 5.31 -3.06
C LEU B 83 14.72 5.09 -4.27
N VAL B 84 14.64 5.99 -5.26
CA VAL B 84 15.40 5.73 -6.48
C VAL B 84 16.89 5.99 -6.21
N GLU B 85 17.20 6.96 -5.34
CA GLU B 85 18.60 7.17 -4.98
C GLU B 85 19.12 5.97 -4.23
N ALA B 86 18.33 5.33 -3.36
CA ALA B 86 18.86 4.15 -2.66
C ALA B 86 19.18 2.99 -3.59
N ARG B 87 18.61 3.07 -4.80
CA ARG B 87 18.83 2.05 -5.81
C ARG B 87 19.91 2.50 -6.79
N GLY B 88 20.57 3.61 -6.47
CA GLY B 88 21.71 4.00 -7.28
C GLY B 88 21.40 5.10 -8.24
N ALA B 89 20.16 5.59 -8.26
CA ALA B 89 19.79 6.65 -9.20
C ALA B 89 20.51 7.97 -9.00
N LYS B 90 20.89 8.63 -10.10
CA LYS B 90 21.24 10.04 -10.07
C LYS B 90 20.32 10.72 -11.11
N LEU B 91 19.36 11.46 -10.57
CA LEU B 91 18.43 12.21 -11.41
C LEU B 91 19.20 13.27 -12.19
N LEU B 92 19.05 13.38 -13.49
CA LEU B 92 19.69 14.24 -14.46
C LEU B 92 18.78 15.37 -14.95
N GLN B 93 17.51 14.98 -15.15
CA GLN B 93 16.63 15.93 -15.83
C GLN B 93 15.16 15.63 -15.63
N ALA B 94 14.36 16.69 -15.62
CA ALA B 94 12.91 16.52 -15.62
C ALA B 94 12.27 17.53 -16.58
N SER B 95 11.34 17.01 -17.39
CA SER B 95 10.73 17.83 -18.43
C SER B 95 9.23 17.57 -18.35
N LEU B 96 8.45 18.63 -18.14
CA LEU B 96 7.03 18.36 -17.97
C LEU B 96 6.22 19.53 -18.52
N VAL B 97 4.97 19.15 -18.75
CA VAL B 97 4.03 20.09 -19.37
C VAL B 97 2.76 20.13 -18.52
N LEU B 98 2.39 21.35 -18.13
CA LEU B 98 1.17 21.55 -17.37
C LEU B 98 0.10 22.13 -18.29
N THR B 99 -1.07 21.52 -18.30
CA THR B 99 -2.13 21.93 -19.24
C THR B 99 -3.31 22.45 -18.40
N LEU B 100 -3.59 23.74 -18.49
CA LEU B 100 -4.75 24.30 -17.79
C LEU B 100 -5.10 25.65 -18.39
N ASP B 101 -6.42 25.90 -18.43
CA ASP B 101 -6.91 27.13 -19.02
C ASP B 101 -6.59 28.34 -18.15
N ARG B 102 -6.79 28.22 -16.85
CA ARG B 102 -6.42 29.25 -15.90
C ARG B 102 -6.04 28.65 -14.56
N PRO B 103 -5.26 29.39 -13.77
CA PRO B 103 -4.77 30.73 -14.09
C PRO B 103 -3.59 30.71 -15.05
N LYS B 104 -3.16 31.90 -15.48
CA LYS B 104 -1.93 31.91 -16.27
C LYS B 104 -0.73 31.71 -15.34
N LEU B 105 0.14 30.78 -15.75
CA LEU B 105 1.29 30.43 -14.94
C LEU B 105 2.52 31.25 -15.28
N GLY B 106 2.53 31.87 -16.46
CA GLY B 106 3.58 32.80 -16.85
C GLY B 106 4.10 33.68 -15.75
N PRO B 107 3.21 34.41 -15.11
CA PRO B 107 3.67 35.24 -14.00
C PRO B 107 4.35 34.49 -12.87
N HIS B 108 4.22 33.17 -12.75
CA HIS B 108 4.83 32.46 -11.63
C HIS B 108 5.96 31.55 -12.09
N ARG B 109 6.34 31.71 -13.36
CA ARG B 109 7.28 30.75 -13.95
C ARG B 109 8.58 30.64 -13.17
N LYS B 110 9.12 31.77 -12.71
CA LYS B 110 10.41 31.70 -12.00
C LYS B 110 10.29 30.97 -10.67
N ALA B 111 9.25 31.31 -9.91
CA ALA B 111 9.02 30.60 -8.65
C ALA B 111 8.79 29.11 -8.89
N LEU B 112 7.99 28.78 -9.91
CA LEU B 112 7.69 27.35 -10.14
C LEU B 112 8.93 26.53 -10.43
N VAL B 113 9.75 27.07 -11.33
CA VAL B 113 10.97 26.38 -11.72
C VAL B 113 11.94 26.34 -10.54
N ASP B 114 12.06 27.49 -9.86
CA ASP B 114 12.94 27.49 -8.69
C ASP B 114 12.47 26.42 -7.70
N SER B 115 11.15 26.24 -7.54
CA SER B 115 10.70 25.17 -6.65
C SER B 115 11.15 23.78 -7.10
N LEU B 116 10.87 23.44 -8.37
CA LEU B 116 11.27 22.13 -8.87
C LEU B 116 12.78 21.93 -8.74
N SER B 117 13.55 22.99 -8.99
CA SER B 117 15.02 22.85 -8.95
C SER B 117 15.53 22.55 -7.55
N ARG B 118 14.98 23.27 -6.58
CA ARG B 118 15.25 23.06 -5.17
C ARG B 118 14.82 21.66 -4.74
N LEU B 119 13.57 21.33 -5.04
CA LEU B 119 13.10 20.04 -4.54
C LEU B 119 13.86 18.87 -5.17
N MET B 120 14.25 19.07 -6.43
CA MET B 120 14.93 17.74 -7.05
C MET B 120 16.37 18.00 -7.15
N ARG B 121 16.88 19.10 -6.60
CA ARG B 121 18.33 19.33 -6.57
C ARG B 121 18.91 19.22 -7.97
N LEU B 122 18.22 19.81 -8.93
CA LEU B 122 18.65 19.91 -10.31
C LEU B 122 18.92 21.36 -10.67
N PRO B 123 19.95 21.60 -11.49
CA PRO B 123 20.21 22.96 -11.96
C PRO B 123 19.03 23.43 -12.82
N GLN B 124 18.82 24.72 -12.92
CA GLN B 124 17.62 25.15 -13.64
C GLN B 124 17.63 24.83 -15.12
N ASP B 125 18.79 24.56 -15.73
CA ASP B 125 18.67 24.29 -17.16
C ASP B 125 18.25 22.84 -17.33
N ARG B 126 18.18 22.10 -16.23
CA ARG B 126 17.74 20.71 -16.28
C ARG B 126 16.28 20.56 -15.84
N ILE B 127 15.61 21.67 -15.64
CA ILE B 127 14.20 21.71 -15.30
C ILE B 127 13.49 22.25 -16.53
N GLY B 128 12.77 21.41 -17.26
CA GLY B 128 12.07 21.99 -18.42
C GLY B 128 10.59 21.99 -18.15
N LEU B 129 10.05 23.19 -17.96
CA LEU B 129 8.64 23.34 -17.58
C LEU B 129 7.95 24.15 -18.67
N THR B 130 6.85 23.61 -19.20
CA THR B 130 6.10 24.40 -20.18
C THR B 130 4.61 24.38 -19.86
N PHE B 131 3.90 25.44 -20.30
CA PHE B 131 2.49 25.55 -19.95
C PHE B 131 1.63 25.65 -21.21
N LYS B 132 0.49 24.96 -21.20
CA LYS B 132 -0.45 25.12 -22.29
C LYS B 132 -1.86 25.29 -21.72
N THR B 133 -2.74 25.96 -22.46
CA THR B 133 -4.17 25.88 -22.13
C THR B 133 -4.74 24.61 -22.75
N SER B 134 -6.00 24.30 -22.40
CA SER B 134 -6.54 23.09 -23.01
C SER B 134 -7.20 23.36 -24.37
N GLU B 135 -7.25 24.63 -24.75
CA GLU B 135 -7.97 25.10 -25.92
C GLU B 135 -9.41 24.59 -25.92
N GLY B 136 -10.00 24.53 -24.72
CA GLY B 136 -11.42 24.22 -24.70
C GLY B 136 -11.68 22.74 -24.60
N LEU B 137 -10.63 21.93 -24.65
CA LEU B 137 -10.80 20.48 -24.51
C LEU B 137 -10.98 20.04 -23.08
N ALA B 138 -10.43 20.78 -22.11
CA ALA B 138 -10.53 20.29 -20.74
C ALA B 138 -10.50 21.51 -19.82
N PRO B 139 -11.56 22.31 -19.90
CA PRO B 139 -11.58 23.61 -19.22
C PRO B 139 -11.60 23.51 -17.70
N SER B 140 -11.95 22.34 -17.19
CA SER B 140 -12.20 22.13 -15.79
C SER B 140 -11.15 21.25 -15.14
N HIS B 141 -10.03 21.05 -15.82
CA HIS B 141 -9.02 20.17 -15.26
C HIS B 141 -7.64 20.81 -15.42
N VAL B 142 -6.76 20.36 -14.55
CA VAL B 142 -5.33 20.56 -14.72
C VAL B 142 -4.72 19.20 -15.06
N GLN B 143 -3.84 19.18 -16.05
CA GLN B 143 -3.18 17.94 -16.45
C GLN B 143 -1.67 18.16 -16.45
N ALA B 144 -0.94 17.11 -16.14
CA ALA B 144 0.52 17.21 -16.12
C ALA B 144 1.08 15.96 -16.78
N ARG B 145 2.12 16.07 -17.58
CA ARG B 145 2.75 14.88 -18.14
C ARG B 145 4.25 15.13 -18.12
N ALA B 146 5.03 14.16 -17.70
CA ALA B 146 6.41 14.40 -17.30
C ALA B 146 7.31 13.22 -17.66
N VAL B 147 8.51 13.60 -18.09
CA VAL B 147 9.59 12.70 -18.42
C VAL B 147 10.77 12.98 -17.51
N VAL B 148 11.33 11.93 -16.90
CA VAL B 148 12.56 12.14 -16.13
C VAL B 148 13.70 11.29 -16.72
N LEU B 149 14.91 11.80 -16.60
CA LEU B 149 16.09 11.09 -17.13
C LEU B 149 17.06 10.86 -15.99
N LEU B 150 17.66 9.66 -15.88
CA LEU B 150 18.59 9.47 -14.78
C LEU B 150 19.84 8.72 -15.25
N ASP B 151 20.95 9.00 -14.56
CA ASP B 151 22.25 8.38 -14.75
C ASP B 151 22.97 8.88 -16.00
N ARG C 2 20.46 14.78 -22.96
CA ARG C 2 19.30 15.61 -22.64
C ARG C 2 18.01 15.18 -23.35
N ILE C 3 16.91 15.42 -22.63
CA ILE C 3 15.60 15.11 -23.22
C ILE C 3 14.70 16.31 -22.99
N GLY C 4 13.68 16.38 -23.81
CA GLY C 4 12.65 17.38 -23.66
C GLY C 4 11.30 16.82 -24.06
N TYR C 5 10.24 17.30 -23.43
CA TYR C 5 8.86 16.88 -23.70
C TYR C 5 8.00 18.11 -23.90
N GLY C 6 7.14 18.09 -24.91
CA GLY C 6 6.26 19.22 -25.22
C GLY C 6 4.94 18.74 -25.76
N GLU C 7 3.92 19.58 -25.63
CA GLU C 7 2.60 19.28 -26.16
C GLU C 7 1.99 20.52 -26.81
N ASP C 8 0.99 20.34 -27.67
CA ASP C 8 0.26 21.46 -28.24
C ASP C 8 -1.12 20.98 -28.67
N SER C 9 -2.11 21.86 -28.71
CA SER C 9 -3.38 21.46 -29.29
C SER C 9 -4.03 22.68 -29.94
N HIS C 10 -4.89 22.41 -30.92
CA HIS C 10 -5.73 23.45 -31.49
C HIS C 10 -7.11 22.93 -31.85
N ARG C 11 -8.08 23.83 -31.66
CA ARG C 11 -9.41 23.63 -32.19
C ARG C 11 -9.37 23.67 -33.70
N LEU C 12 -10.19 22.82 -34.31
CA LEU C 12 -10.24 22.78 -35.77
C LEU C 12 -11.60 23.31 -36.25
N GLU C 13 -11.63 24.24 -37.21
CA GLU C 13 -12.90 24.64 -37.79
C GLU C 13 -12.93 24.40 -39.31
N GLU C 14 -14.10 24.22 -39.91
CA GLU C 14 -14.29 24.11 -41.35
C GLU C 14 -13.96 25.40 -42.10
N GLY C 15 -13.54 25.30 -43.36
CA GLY C 15 -13.24 26.54 -44.07
C GLY C 15 -11.96 27.21 -43.58
N ARG C 16 -11.02 26.42 -43.09
CA ARG C 16 -9.75 26.85 -42.51
C ARG C 16 -8.60 25.95 -42.96
N PRO C 17 -7.45 26.56 -43.26
CA PRO C 17 -6.30 25.80 -43.71
C PRO C 17 -5.68 25.03 -42.54
N LEU C 18 -5.23 23.83 -42.89
CA LEU C 18 -4.56 22.99 -41.91
C LEU C 18 -3.06 22.92 -42.15
N TYR C 19 -2.28 23.40 -41.18
CA TYR C 19 -0.83 23.26 -41.26
C TYR C 19 -0.33 22.24 -40.23
N LEU C 20 0.48 21.30 -40.71
CA LEU C 20 1.04 20.29 -39.80
C LEU C 20 2.44 19.95 -40.30
N CYS C 21 3.36 19.87 -39.32
CA CYS C 21 4.75 19.55 -39.66
C CYS C 21 5.34 20.48 -40.71
N GLY C 22 4.81 21.71 -40.76
CA GLY C 22 5.29 22.72 -41.68
C GLY C 22 4.55 22.72 -43.00
N LEU C 23 3.62 21.78 -43.19
CA LEU C 23 2.95 21.67 -44.47
C LEU C 23 1.47 22.07 -44.40
N LEU C 24 0.97 22.66 -45.48
CA LEU C 24 -0.47 22.84 -45.70
C LEU C 24 -1.07 21.49 -46.16
N ILE C 25 -1.98 20.94 -45.36
CA ILE C 25 -2.58 19.64 -45.66
C ILE C 25 -4.00 19.80 -46.21
N PRO C 26 -4.29 19.19 -47.35
CA PRO C 26 -5.69 19.24 -47.84
C PRO C 26 -6.58 18.69 -46.74
N SER C 27 -7.57 19.47 -46.34
CA SER C 27 -8.43 19.15 -45.22
C SER C 27 -9.72 19.96 -45.23
N PRO C 28 -10.81 19.37 -44.78
CA PRO C 28 -12.07 20.11 -44.56
C PRO C 28 -12.05 20.98 -43.31
N VAL C 29 -11.06 20.83 -42.44
CA VAL C 29 -10.96 21.65 -41.24
C VAL C 29 -9.52 22.09 -41.01
N GLY C 30 -9.35 23.24 -40.40
CA GLY C 30 -8.05 23.83 -40.14
C GLY C 30 -8.05 24.47 -38.78
N ALA C 31 -6.87 24.77 -38.23
CA ALA C 31 -6.85 25.24 -36.84
C ALA C 31 -7.59 26.57 -36.66
N LEU C 32 -8.33 26.66 -35.58
CA LEU C 32 -8.89 27.94 -35.17
C LEU C 32 -7.87 28.54 -34.23
N ALA C 33 -7.05 29.48 -34.69
CA ALA C 33 -5.97 29.93 -33.81
C ALA C 33 -5.34 31.24 -34.28
N HIS C 34 -4.75 31.98 -33.35
CA HIS C 34 -3.98 33.18 -33.59
C HIS C 34 -2.77 32.89 -34.48
N SER C 35 -2.09 31.78 -34.18
CA SER C 35 -0.94 31.25 -34.91
C SER C 35 -1.41 30.49 -36.15
N ASP C 36 -0.51 29.81 -36.87
CA ASP C 36 -0.97 28.93 -37.96
C ASP C 36 -1.57 27.65 -37.39
N GLY C 37 -1.52 27.51 -36.08
CA GLY C 37 -2.02 26.38 -35.36
C GLY C 37 -1.30 25.06 -35.65
N ASP C 38 -0.04 25.07 -36.07
CA ASP C 38 0.69 23.82 -36.37
C ASP C 38 1.06 23.09 -35.09
N ALA C 39 0.20 22.19 -34.63
CA ALA C 39 0.43 21.57 -33.33
C ALA C 39 1.73 20.78 -33.27
N ALA C 40 2.09 20.15 -34.39
CA ALA C 40 3.32 19.38 -34.35
C ALA C 40 4.52 20.29 -34.17
N MET C 41 4.60 21.35 -34.96
CA MET C 41 5.73 22.32 -34.76
C MET C 41 5.60 22.88 -33.46
N HIS C 42 4.48 23.30 -32.88
CA HIS C 42 4.53 23.94 -31.55
C HIS C 42 5.05 22.96 -30.52
N ALA C 43 4.60 21.70 -30.57
CA ALA C 43 5.02 20.76 -29.54
C ALA C 43 6.51 20.49 -29.56
N LEU C 44 7.02 20.37 -30.79
CA LEU C 44 8.45 20.12 -31.01
C LEU C 44 9.27 21.32 -30.52
N THR C 45 8.76 22.53 -30.78
CA THR C 45 9.49 23.72 -30.30
C THR C 45 9.57 23.75 -28.78
N ASP C 46 8.45 23.51 -28.13
CA ASP C 46 8.42 23.49 -26.66
C ASP C 46 9.33 22.40 -26.12
N ALA C 47 9.32 21.23 -26.79
CA ALA C 47 10.20 20.18 -26.31
C ALA C 47 11.67 20.60 -26.39
N LEU C 48 12.09 21.24 -27.48
CA LEU C 48 13.46 21.75 -27.63
C LEU C 48 13.80 22.76 -26.53
N LEU C 49 12.94 23.77 -26.39
CA LEU C 49 13.12 24.79 -25.35
C LEU C 49 13.22 24.12 -23.98
N SER C 50 12.29 23.20 -23.76
CA SER C 50 12.23 22.58 -22.44
C SER C 50 13.49 21.81 -22.14
N ALA C 51 14.20 21.31 -23.16
CA ALA C 51 15.38 20.48 -22.92
C ALA C 51 16.55 21.27 -22.33
N TYR C 52 16.42 22.59 -22.37
CA TYR C 52 17.46 23.51 -21.88
C TYR C 52 16.90 24.44 -20.83
N GLY C 53 15.66 24.19 -20.43
CA GLY C 53 15.03 25.01 -19.39
C GLY C 53 14.80 26.43 -19.88
N LEU C 54 14.65 26.63 -21.18
CA LEU C 54 14.62 27.96 -21.77
C LEU C 54 13.28 28.64 -21.64
N GLY C 55 12.24 27.93 -21.24
CA GLY C 55 10.91 28.54 -21.21
C GLY C 55 9.95 27.76 -22.08
N ASP C 56 9.06 28.46 -22.77
CA ASP C 56 8.08 27.87 -23.68
C ASP C 56 7.71 28.86 -24.77
N ILE C 57 6.86 28.50 -25.72
CA ILE C 57 6.66 29.32 -26.92
C ILE C 57 5.87 30.60 -26.64
N GLY C 58 5.02 30.55 -25.61
CA GLY C 58 4.38 31.80 -25.19
C GLY C 58 5.41 32.70 -24.52
N LEU C 59 6.43 32.20 -23.83
CA LEU C 59 7.47 33.03 -23.26
C LEU C 59 8.44 33.58 -24.31
N LEU C 60 8.97 32.74 -25.19
CA LEU C 60 9.92 33.24 -26.17
C LEU C 60 9.29 33.87 -27.41
N PHE C 61 8.05 33.54 -27.75
CA PHE C 61 7.43 34.06 -28.96
C PHE C 61 6.06 34.66 -28.72
N PRO C 62 6.00 35.72 -27.91
CA PRO C 62 4.74 36.45 -27.84
C PRO C 62 4.51 37.16 -29.17
N ASP C 63 3.27 37.45 -29.52
CA ASP C 63 2.92 38.25 -30.69
C ASP C 63 3.29 39.70 -30.44
N THR C 64 3.38 40.00 -29.12
CA THR C 64 3.75 41.38 -28.80
C THR C 64 5.15 41.70 -29.32
N ASP C 65 5.99 40.73 -29.63
CA ASP C 65 7.28 41.00 -30.25
C ASP C 65 7.16 40.87 -31.77
N PRO C 66 7.30 42.01 -32.44
CA PRO C 66 7.24 42.13 -33.90
C PRO C 66 7.89 40.97 -34.65
N ARG C 67 9.06 40.55 -34.19
CA ARG C 67 9.85 39.47 -34.79
C ARG C 67 9.11 38.18 -35.11
N TRP C 68 7.95 37.99 -34.52
CA TRP C 68 7.14 36.79 -34.43
C TRP C 68 5.71 36.95 -34.92
N ARG C 69 5.25 38.19 -35.10
CA ARG C 69 3.88 38.45 -35.54
C ARG C 69 3.55 37.97 -36.95
N GLY C 70 2.46 37.19 -37.07
CA GLY C 70 2.07 36.58 -38.33
C GLY C 70 3.11 35.60 -38.85
N GLU C 71 4.07 35.16 -38.02
CA GLU C 71 5.11 34.28 -38.52
C GLU C 71 4.68 32.81 -38.48
N ARG C 72 4.99 32.10 -39.57
CA ARG C 72 4.79 30.65 -39.60
C ARG C 72 5.71 29.94 -38.60
N SER C 73 5.21 28.83 -38.09
CA SER C 73 5.76 28.17 -36.92
C SER C 73 7.20 27.70 -37.12
N GLU C 74 7.66 27.57 -38.36
CA GLU C 74 9.03 27.10 -38.59
C GLU C 74 10.04 28.13 -38.09
N VAL C 75 9.59 29.38 -38.08
CA VAL C 75 10.46 30.45 -37.55
C VAL C 75 10.69 30.23 -36.06
N PHE C 76 9.69 29.76 -35.32
CA PHE C 76 9.82 29.54 -33.87
C PHE C 76 10.73 28.34 -33.61
N LEU C 77 10.47 27.29 -34.42
CA LEU C 77 11.25 26.07 -34.30
C LEU C 77 12.70 26.36 -34.62
N ARG C 78 12.91 27.14 -35.69
CA ARG C 78 14.33 27.32 -36.02
C ARG C 78 15.00 28.24 -35.02
N GLU C 79 14.25 29.15 -34.41
CA GLU C 79 14.82 29.99 -33.35
C GLU C 79 15.21 29.13 -32.15
N ALA C 80 14.32 28.19 -31.79
CA ALA C 80 14.64 27.34 -30.65
C ALA C 80 15.81 26.44 -30.99
N MET C 81 15.89 26.04 -32.26
CA MET C 81 17.27 25.16 -32.50
C MET C 81 18.58 26.04 -32.44
N ARG C 82 18.46 27.28 -32.92
CA ARG C 82 19.55 28.25 -32.79
C ARG C 82 19.97 28.35 -31.33
N LEU C 83 18.96 28.52 -30.46
CA LEU C 83 19.23 28.68 -29.04
C LEU C 83 19.84 27.42 -28.44
N VAL C 84 19.32 26.22 -28.69
CA VAL C 84 19.96 25.10 -28.00
C VAL C 84 21.32 24.81 -28.66
N GLU C 85 21.42 25.07 -29.96
CA GLU C 85 22.67 24.90 -30.70
C GLU C 85 23.75 25.79 -30.10
N ALA C 86 23.37 27.04 -29.82
CA ALA C 86 24.29 27.96 -29.16
C ALA C 86 24.73 27.44 -27.80
N ARG C 87 23.98 26.52 -27.21
CA ARG C 87 24.38 26.00 -25.91
C ARG C 87 25.14 24.68 -26.01
N GLY C 88 25.52 24.32 -27.22
CA GLY C 88 26.25 23.14 -27.59
C GLY C 88 25.39 21.90 -27.82
N ALA C 89 24.06 22.07 -27.90
CA ALA C 89 23.22 20.91 -28.17
C ALA C 89 23.44 20.34 -29.57
N LYS C 90 23.33 19.01 -29.64
CA LYS C 90 23.26 18.33 -30.93
C LYS C 90 22.00 17.47 -30.91
N LEU C 91 21.01 17.98 -31.62
CA LEU C 91 19.73 17.27 -31.70
C LEU C 91 19.94 15.88 -32.25
N LEU C 92 19.45 14.84 -31.55
CA LEU C 92 19.67 13.50 -32.09
C LEU C 92 18.39 12.84 -32.62
N GLN C 93 17.24 13.16 -32.04
CA GLN C 93 16.00 12.50 -32.43
C GLN C 93 14.76 13.26 -32.01
N ALA C 94 13.69 13.09 -32.79
CA ALA C 94 12.37 13.61 -32.43
C ALA C 94 11.32 12.52 -32.65
N SER C 95 10.48 12.31 -31.64
CA SER C 95 9.44 11.27 -31.75
C SER C 95 8.15 11.90 -31.27
N LEU C 96 7.14 11.93 -32.11
CA LEU C 96 5.93 12.68 -31.72
C LEU C 96 4.68 12.00 -32.25
N VAL C 97 3.55 12.26 -31.64
CA VAL C 97 2.31 11.57 -32.01
C VAL C 97 1.29 12.65 -32.33
N LEU C 98 0.63 12.54 -33.45
CA LEU C 98 -0.41 13.51 -33.79
C LEU C 98 -1.76 12.80 -33.65
N THR C 99 -2.65 13.49 -32.92
CA THR C 99 -3.97 12.96 -32.67
C THR C 99 -5.02 13.87 -33.32
N LEU C 100 -5.80 13.27 -34.21
CA LEU C 100 -6.85 13.95 -34.96
C LEU C 100 -7.68 12.99 -35.80
N ASP C 101 -8.99 13.17 -35.75
CA ASP C 101 -9.95 12.23 -36.37
C ASP C 101 -9.89 12.38 -37.89
N ARG C 102 -9.78 13.61 -38.37
CA ARG C 102 -9.64 13.88 -39.80
C ARG C 102 -8.84 15.16 -39.92
N PRO C 103 -8.11 15.32 -41.01
CA PRO C 103 -8.06 14.35 -42.08
C PRO C 103 -7.08 13.20 -41.80
N LYS C 104 -7.16 12.15 -42.60
CA LYS C 104 -6.21 11.05 -42.55
C LYS C 104 -4.82 11.55 -42.91
N LEU C 105 -3.80 11.17 -42.14
CA LEU C 105 -2.46 11.68 -42.41
C LEU C 105 -1.58 10.65 -43.10
N GLY C 106 -1.97 9.38 -43.02
CA GLY C 106 -1.29 8.32 -43.74
C GLY C 106 -0.93 8.65 -45.18
N PRO C 107 -1.83 9.10 -46.03
CA PRO C 107 -1.46 9.42 -47.42
C PRO C 107 -0.37 10.48 -47.51
N HIS C 108 -0.19 11.28 -46.47
CA HIS C 108 0.83 12.29 -46.50
C HIS C 108 2.04 11.99 -45.64
N ARG C 109 2.21 10.75 -45.21
CA ARG C 109 3.26 10.37 -44.27
C ARG C 109 4.64 10.71 -44.81
N LYS C 110 4.91 10.37 -46.07
CA LYS C 110 6.22 10.63 -46.65
C LYS C 110 6.60 12.10 -46.61
N ALA C 111 5.68 12.96 -47.06
CA ALA C 111 5.88 14.41 -47.07
C ALA C 111 6.09 14.99 -45.69
N LEU C 112 5.26 14.57 -44.76
CA LEU C 112 5.34 15.08 -43.39
C LEU C 112 6.68 14.74 -42.77
N VAL C 113 7.10 13.48 -42.89
CA VAL C 113 8.36 13.08 -42.29
C VAL C 113 9.50 13.80 -42.99
N ASP C 114 9.42 13.89 -44.32
CA ASP C 114 10.44 14.60 -45.08
C ASP C 114 10.53 16.04 -44.58
N SER C 115 9.42 16.71 -44.30
CA SER C 115 9.46 18.10 -43.87
C SER C 115 10.20 18.20 -42.53
N LEU C 116 9.83 17.37 -41.57
CA LEU C 116 10.48 17.40 -40.26
C LEU C 116 11.96 17.11 -40.36
N SER C 117 12.30 16.14 -41.20
CA SER C 117 13.69 15.77 -41.42
C SER C 117 14.53 16.96 -41.85
N ARG C 118 13.93 17.72 -42.75
CA ARG C 118 14.65 18.87 -43.33
C ARG C 118 14.69 20.04 -42.38
N LEU C 119 13.55 20.32 -41.75
CA LEU C 119 13.50 21.43 -40.80
C LEU C 119 14.49 21.18 -39.66
N MET C 120 14.45 19.96 -39.15
CA MET C 120 15.32 19.70 -37.90
C MET C 120 16.57 19.16 -38.30
N ARG C 121 16.89 18.97 -39.56
CA ARG C 121 18.15 18.45 -40.07
C ARG C 121 18.50 17.13 -39.40
N LEU C 122 17.53 16.23 -39.36
CA LEU C 122 17.73 14.89 -38.86
C LEU C 122 17.52 13.86 -39.96
N PRO C 123 18.27 12.78 -39.90
CA PRO C 123 18.03 11.65 -40.82
C PRO C 123 16.62 11.09 -40.62
N GLN C 124 16.04 10.51 -41.67
CA GLN C 124 14.62 10.14 -41.56
C GLN C 124 14.35 9.08 -40.52
N ASP C 125 15.33 8.23 -40.21
CA ASP C 125 15.10 7.19 -39.24
C ASP C 125 15.15 7.78 -37.81
N ARG C 126 15.47 9.07 -37.72
CA ARG C 126 15.51 9.77 -36.44
C ARG C 126 14.31 10.72 -36.27
N ILE C 127 13.38 10.64 -37.21
CA ILE C 127 12.08 11.30 -37.18
C ILE C 127 11.04 10.20 -36.94
N GLY C 128 10.50 10.20 -35.74
CA GLY C 128 9.52 9.18 -35.37
C GLY C 128 8.14 9.81 -35.34
N LEU C 129 7.34 9.61 -36.37
CA LEU C 129 6.04 10.24 -36.45
C LEU C 129 4.98 9.14 -36.57
N THR C 130 4.01 9.18 -35.67
CA THR C 130 2.86 8.27 -35.69
C THR C 130 1.54 9.02 -35.60
N PHE C 131 0.45 8.45 -36.11
CA PHE C 131 -0.84 9.14 -36.13
C PHE C 131 -1.92 8.33 -35.40
N LYS C 132 -2.76 9.06 -34.66
CA LYS C 132 -3.86 8.44 -33.97
C LYS C 132 -5.15 9.20 -34.23
N THR C 133 -6.31 8.52 -34.27
CA THR C 133 -7.56 9.27 -34.14
C THR C 133 -7.84 9.51 -32.64
N SER C 134 -8.87 10.25 -32.25
CA SER C 134 -9.19 10.51 -30.84
C SER C 134 -10.20 9.50 -30.29
N GLU C 135 -10.67 8.60 -31.15
CA GLU C 135 -11.64 7.56 -30.82
C GLU C 135 -12.87 8.19 -30.17
N GLY C 136 -13.18 9.41 -30.59
CA GLY C 136 -14.39 10.04 -30.07
C GLY C 136 -14.09 11.06 -29.00
N LEU C 137 -12.86 11.14 -28.51
CA LEU C 137 -12.54 11.96 -27.34
C LEU C 137 -12.35 13.43 -27.72
N ALA C 138 -11.78 13.68 -28.89
CA ALA C 138 -11.47 15.06 -29.26
C ALA C 138 -11.73 15.27 -30.74
N PRO C 139 -12.99 15.18 -31.18
CA PRO C 139 -13.32 15.20 -32.60
C PRO C 139 -13.15 16.57 -33.25
N SER C 140 -12.92 17.64 -32.49
CA SER C 140 -12.69 18.89 -33.24
C SER C 140 -11.35 19.53 -32.90
N HIS C 141 -10.35 18.74 -32.50
CA HIS C 141 -9.06 19.28 -32.12
C HIS C 141 -7.95 18.47 -32.79
N VAL C 142 -6.83 19.14 -33.03
CA VAL C 142 -5.63 18.36 -33.31
C VAL C 142 -4.74 18.44 -32.08
N GLN C 143 -4.14 17.35 -31.64
CA GLN C 143 -3.25 17.35 -30.50
C GLN C 143 -1.90 16.80 -30.92
N ALA C 144 -0.85 17.27 -30.27
CA ALA C 144 0.50 16.79 -30.57
C ALA C 144 1.29 16.68 -29.28
N ARG C 145 2.08 15.61 -29.15
CA ARG C 145 2.93 15.39 -28.00
C ARG C 145 4.26 14.82 -28.56
N ALA C 146 5.33 15.40 -28.05
CA ALA C 146 6.65 15.20 -28.64
C ALA C 146 7.76 15.08 -27.61
N VAL C 147 8.69 14.15 -27.87
CA VAL C 147 9.91 14.02 -27.10
C VAL C 147 11.09 14.30 -28.02
N VAL C 148 12.06 15.08 -27.51
CA VAL C 148 13.27 15.24 -28.33
C VAL C 148 14.44 14.66 -27.53
N LEU C 149 15.45 14.15 -28.19
CA LEU C 149 16.68 13.64 -27.56
C LEU C 149 17.86 14.39 -28.14
N LEU C 150 18.75 14.88 -27.30
CA LEU C 150 19.90 15.67 -27.74
C LEU C 150 21.19 15.14 -27.06
N ASP C 151 22.29 15.33 -27.76
CA ASP C 151 23.62 14.86 -27.45
C ASP C 151 23.71 13.33 -27.49
N ARG D 2 5.71 2.94 25.00
CA ARG D 2 4.72 2.44 24.03
C ARG D 2 4.59 0.92 24.09
N ILE D 3 3.41 0.41 23.73
CA ILE D 3 3.25 -1.04 23.59
C ILE D 3 2.59 -1.35 22.27
N GLY D 4 2.84 -2.56 21.77
CA GLY D 4 2.22 -2.94 20.49
C GLY D 4 1.82 -4.39 20.64
N TYR D 5 0.69 -4.77 20.05
CA TYR D 5 0.25 -6.16 20.06
C TYR D 5 -0.05 -6.62 18.65
N GLY D 6 0.35 -7.87 18.35
CA GLY D 6 0.26 -8.38 16.98
C GLY D 6 0.05 -9.89 16.97
N GLU D 7 -0.62 -10.39 15.95
CA GLU D 7 -0.91 -11.81 15.86
C GLU D 7 -0.65 -12.30 14.44
N ASP D 8 -0.52 -13.62 14.30
CA ASP D 8 -0.41 -14.15 12.95
C ASP D 8 -0.68 -15.64 13.03
N SER D 9 -1.18 -16.15 11.92
CA SER D 9 -1.41 -17.59 11.79
C SER D 9 -1.20 -18.01 10.34
N HIS D 10 -0.80 -19.28 10.17
CA HIS D 10 -0.62 -19.85 8.85
C HIS D 10 -0.95 -21.33 8.87
N ARG D 11 -1.57 -21.79 7.79
CA ARG D 11 -1.81 -23.22 7.68
C ARG D 11 -0.47 -23.94 7.50
N LEU D 12 -0.37 -25.15 8.07
CA LEU D 12 0.81 -25.97 7.82
C LEU D 12 0.42 -27.12 6.88
N GLU D 13 1.34 -27.36 5.96
CA GLU D 13 1.09 -28.47 5.04
C GLU D 13 2.35 -29.34 5.03
N GLU D 14 2.15 -30.63 4.82
CA GLU D 14 3.21 -31.61 4.84
C GLU D 14 4.19 -31.29 3.73
N GLY D 15 5.49 -31.50 3.90
CA GLY D 15 6.42 -31.27 2.79
C GLY D 15 6.75 -29.84 2.43
N ARG D 16 6.38 -28.80 3.17
CA ARG D 16 6.72 -27.41 2.90
C ARG D 16 7.80 -26.93 3.84
N PRO D 17 8.67 -26.00 3.49
CA PRO D 17 9.69 -25.59 4.47
C PRO D 17 9.05 -24.76 5.58
N LEU D 18 9.51 -24.96 6.79
CA LEU D 18 9.03 -24.23 7.97
C LEU D 18 10.00 -23.12 8.36
N TYR D 19 9.54 -21.88 8.34
CA TYR D 19 10.33 -20.72 8.75
C TYR D 19 9.81 -20.08 10.03
N LEU D 20 10.66 -19.96 11.03
CA LEU D 20 10.23 -19.31 12.29
C LEU D 20 11.35 -18.49 12.88
N CYS D 21 10.99 -17.28 13.29
CA CYS D 21 11.93 -16.30 13.82
C CYS D 21 13.10 -16.06 12.87
N GLY D 22 12.84 -16.23 11.57
CA GLY D 22 13.86 -15.94 10.57
C GLY D 22 14.69 -17.13 10.19
N LEU D 23 14.44 -18.28 10.85
CA LEU D 23 15.26 -19.46 10.57
C LEU D 23 14.49 -20.58 9.88
N LEU D 24 15.22 -21.38 9.10
CA LEU D 24 14.65 -22.61 8.56
C LEU D 24 14.72 -23.67 9.66
N ILE D 25 13.57 -24.27 9.97
CA ILE D 25 13.48 -25.30 10.97
C ILE D 25 13.07 -26.63 10.36
N PRO D 26 13.92 -27.64 10.52
CA PRO D 26 13.64 -28.96 9.95
C PRO D 26 12.32 -29.48 10.49
N SER D 27 11.50 -29.95 9.56
CA SER D 27 10.13 -30.24 9.96
C SER D 27 9.41 -31.00 8.85
N PRO D 28 8.49 -31.86 9.30
CA PRO D 28 7.56 -32.57 8.42
C PRO D 28 6.49 -31.65 7.86
N VAL D 29 6.32 -30.45 8.43
CA VAL D 29 5.26 -29.56 7.96
C VAL D 29 5.77 -28.13 7.88
N GLY D 30 5.09 -27.38 7.00
CA GLY D 30 5.45 -26.00 6.76
C GLY D 30 4.29 -25.13 6.30
N ALA D 31 4.54 -23.82 6.30
CA ALA D 31 3.47 -22.87 6.03
C ALA D 31 2.96 -23.09 4.62
N LEU D 32 1.65 -22.94 4.46
CA LEU D 32 1.04 -22.85 3.13
C LEU D 32 0.58 -21.40 2.98
N ALA D 33 1.46 -20.58 2.39
CA ALA D 33 1.24 -19.14 2.30
C ALA D 33 1.91 -18.52 1.08
N HIS D 34 1.40 -17.36 0.66
CA HIS D 34 2.08 -16.66 -0.43
C HIS D 34 3.36 -16.03 0.10
N SER D 35 3.44 -15.89 1.43
CA SER D 35 4.69 -15.46 2.05
C SER D 35 5.49 -16.68 2.54
N ASP D 36 6.57 -16.43 3.28
CA ASP D 36 7.28 -17.56 3.90
C ASP D 36 6.51 -18.11 5.10
N GLY D 37 5.43 -17.41 5.48
CA GLY D 37 4.56 -17.92 6.53
C GLY D 37 5.23 -17.88 7.88
N ASP D 38 6.27 -17.07 8.04
CA ASP D 38 6.93 -17.01 9.35
C ASP D 38 6.03 -16.24 10.32
N ALA D 39 5.15 -16.96 11.00
CA ALA D 39 4.17 -16.35 11.88
C ALA D 39 4.85 -15.53 12.97
N ALA D 40 6.01 -15.97 13.46
CA ALA D 40 6.64 -15.17 14.52
C ALA D 40 7.05 -13.81 13.99
N MET D 41 7.65 -13.80 12.80
CA MET D 41 8.12 -12.41 12.33
C MET D 41 6.87 -11.60 11.99
N HIS D 42 5.84 -12.20 11.41
CA HIS D 42 4.68 -11.40 11.02
C HIS D 42 4.08 -10.78 12.28
N ALA D 43 3.90 -11.58 13.33
CA ALA D 43 3.29 -11.04 14.53
C ALA D 43 4.15 -9.94 15.16
N LEU D 44 5.45 -10.15 15.23
CA LEU D 44 6.31 -9.10 15.79
C LEU D 44 6.29 -7.84 14.92
N THR D 45 6.20 -8.01 13.60
CA THR D 45 6.18 -6.86 12.70
C THR D 45 4.89 -6.07 12.88
N ASP D 46 3.77 -6.77 12.93
CA ASP D 46 2.51 -6.09 13.22
C ASP D 46 2.55 -5.38 14.56
N ALA D 47 3.13 -6.02 15.58
CA ALA D 47 3.20 -5.41 16.92
C ALA D 47 4.00 -4.11 16.94
N LEU D 48 5.12 -4.09 16.22
CA LEU D 48 5.92 -2.87 16.08
C LEU D 48 5.16 -1.80 15.37
N LEU D 49 4.54 -2.24 14.25
CA LEU D 49 3.79 -1.21 13.52
C LEU D 49 2.64 -0.64 14.37
N SER D 50 1.93 -1.51 15.05
CA SER D 50 0.79 -1.18 15.89
C SER D 50 1.16 -0.18 17.00
N ALA D 51 2.38 -0.31 17.50
CA ALA D 51 2.86 0.57 18.58
C ALA D 51 2.94 2.04 18.17
N TYR D 52 2.98 2.32 16.88
CA TYR D 52 3.01 3.68 16.35
C TYR D 52 1.80 3.96 15.48
N GLY D 53 0.82 3.07 15.50
CA GLY D 53 -0.40 3.19 14.68
C GLY D 53 -0.12 3.31 13.20
N LEU D 54 0.98 2.70 12.75
CA LEU D 54 1.38 2.77 11.36
C LEU D 54 0.60 1.90 10.39
N GLY D 55 -0.31 1.04 10.83
CA GLY D 55 -1.03 0.19 9.88
C GLY D 55 -0.68 -1.26 10.19
N ASP D 56 -0.63 -2.09 9.15
CA ASP D 56 -0.26 -3.50 9.37
C ASP D 56 0.53 -4.00 8.16
N ILE D 57 0.99 -5.25 8.26
CA ILE D 57 1.93 -5.76 7.27
C ILE D 57 1.27 -5.85 5.89
N GLY D 58 -0.04 -6.05 5.87
CA GLY D 58 -0.75 -6.17 4.60
C GLY D 58 -0.82 -4.80 3.93
N LEU D 59 -0.98 -3.77 4.78
CA LEU D 59 -0.97 -2.40 4.28
C LEU D 59 0.46 -2.04 3.90
N LEU D 60 1.43 -2.43 4.74
CA LEU D 60 2.74 -1.82 4.45
C LEU D 60 3.60 -2.67 3.53
N PHE D 61 3.32 -3.96 3.46
CA PHE D 61 4.21 -4.81 2.64
C PHE D 61 3.45 -5.69 1.66
N PRO D 62 2.67 -5.08 0.78
CA PRO D 62 1.87 -5.88 -0.16
C PRO D 62 2.75 -6.57 -1.18
N ASP D 63 2.40 -7.78 -1.62
CA ASP D 63 3.29 -8.42 -2.58
C ASP D 63 3.25 -7.73 -3.94
N THR D 64 2.33 -6.79 -4.13
CA THR D 64 2.25 -5.99 -5.36
C THR D 64 3.45 -5.06 -5.50
N ASP D 65 4.15 -4.80 -4.39
CA ASP D 65 5.28 -3.87 -4.45
C ASP D 65 6.60 -4.63 -4.50
N PRO D 66 7.29 -4.30 -5.58
CA PRO D 66 8.56 -4.89 -5.95
C PRO D 66 9.58 -4.96 -4.82
N ARG D 67 9.57 -4.04 -3.86
CA ARG D 67 10.62 -4.20 -2.84
C ARG D 67 10.19 -5.25 -1.83
N TRP D 68 8.92 -5.66 -1.83
CA TRP D 68 8.54 -6.63 -0.80
C TRP D 68 8.29 -8.00 -1.43
N ARG D 69 7.85 -8.02 -2.68
CA ARG D 69 7.51 -9.23 -3.42
C ARG D 69 8.62 -10.28 -3.37
N GLY D 70 8.23 -11.49 -2.99
CA GLY D 70 9.13 -12.62 -2.90
C GLY D 70 10.03 -12.62 -1.70
N GLU D 71 10.08 -11.57 -0.88
CA GLU D 71 11.15 -11.48 0.10
C GLU D 71 10.86 -12.23 1.40
N ARG D 72 11.90 -12.62 2.13
CA ARG D 72 11.93 -13.14 3.48
C ARG D 72 11.21 -12.21 4.46
N SER D 73 10.46 -12.78 5.40
CA SER D 73 9.75 -11.93 6.34
C SER D 73 10.68 -11.07 7.18
N GLU D 74 11.95 -11.43 7.32
CA GLU D 74 12.85 -10.58 8.08
C GLU D 74 13.03 -9.23 7.43
N VAL D 75 12.82 -9.19 6.10
CA VAL D 75 12.93 -7.86 5.44
C VAL D 75 11.85 -6.91 5.95
N PHE D 76 10.62 -7.37 6.13
CA PHE D 76 9.53 -6.54 6.64
C PHE D 76 9.78 -6.13 8.08
N LEU D 77 10.27 -7.07 8.91
CA LEU D 77 10.61 -6.76 10.28
C LEU D 77 11.67 -5.66 10.35
N ARG D 78 12.74 -5.76 9.57
CA ARG D 78 13.74 -4.69 9.60
C ARG D 78 13.16 -3.37 9.09
N GLU D 79 12.24 -3.43 8.14
CA GLU D 79 11.64 -2.16 7.71
C GLU D 79 10.73 -1.62 8.80
N ALA D 80 9.98 -2.45 9.49
CA ALA D 80 9.19 -1.94 10.61
C ALA D 80 10.10 -1.28 11.65
N MET D 81 11.18 -1.96 11.99
CA MET D 81 12.13 -1.30 12.96
C MET D 81 12.69 0.07 12.50
N ARG D 82 13.10 0.13 11.23
CA ARG D 82 13.53 1.39 10.64
C ARG D 82 12.44 2.46 10.80
N LEU D 83 11.21 2.13 10.44
CA LEU D 83 10.10 3.06 10.61
C LEU D 83 9.87 3.53 12.04
N VAL D 84 9.85 2.68 13.05
CA VAL D 84 9.57 3.12 14.43
C VAL D 84 10.78 3.85 14.99
N GLU D 85 11.99 3.43 14.58
CA GLU D 85 13.19 4.12 15.04
C GLU D 85 13.25 5.56 14.52
N ALA D 86 12.76 5.77 13.31
CA ALA D 86 12.75 7.07 12.67
C ALA D 86 11.79 8.03 13.37
N ARG D 87 10.93 7.41 14.18
CA ARG D 87 9.92 8.13 14.97
C ARG D 87 10.37 8.23 16.41
N GLY D 88 11.61 7.83 16.63
CA GLY D 88 12.27 7.99 17.91
C GLY D 88 12.11 6.77 18.81
N ALA D 89 11.51 5.68 18.30
CA ALA D 89 11.33 4.53 19.16
C ALA D 89 12.67 3.96 19.60
N LYS D 90 12.65 3.49 20.83
CA LYS D 90 13.73 2.72 21.41
C LYS D 90 13.19 1.34 21.74
N LEU D 91 13.32 0.32 20.90
CA LEU D 91 12.76 -0.98 21.27
C LEU D 91 13.40 -1.49 22.55
N LEU D 92 12.59 -1.97 23.46
CA LEU D 92 13.04 -2.41 24.78
C LEU D 92 12.83 -3.90 25.00
N GLN D 93 11.67 -4.42 24.60
CA GLN D 93 11.40 -5.84 24.85
C GLN D 93 10.44 -6.44 23.83
N ALA D 94 10.56 -7.75 23.62
CA ALA D 94 9.54 -8.42 22.80
C ALA D 94 9.13 -9.72 23.47
N SER D 95 7.84 -9.98 23.66
CA SER D 95 7.47 -11.23 24.34
C SER D 95 6.45 -11.95 23.51
N LEU D 96 6.62 -13.21 23.14
CA LEU D 96 5.65 -13.75 22.19
C LEU D 96 5.47 -15.26 22.40
N VAL D 97 4.36 -15.79 21.95
CA VAL D 97 4.12 -17.23 22.11
C VAL D 97 3.89 -17.83 20.74
N LEU D 98 4.57 -18.92 20.41
CA LEU D 98 4.30 -19.72 19.24
C LEU D 98 3.46 -20.94 19.60
N THR D 99 2.40 -21.17 18.84
CA THR D 99 1.54 -22.32 19.13
C THR D 99 1.55 -23.21 17.91
N LEU D 100 1.97 -24.45 18.14
CA LEU D 100 1.91 -25.45 17.11
C LEU D 100 2.28 -26.83 17.67
N ASP D 101 1.63 -27.83 17.11
CA ASP D 101 1.75 -29.21 17.58
C ASP D 101 3.10 -29.79 17.24
N ARG D 102 3.53 -29.62 16.00
CA ARG D 102 4.85 -30.15 15.65
C ARG D 102 5.48 -29.22 14.64
N PRO D 103 6.79 -29.19 14.55
CA PRO D 103 7.68 -30.05 15.32
C PRO D 103 7.96 -29.46 16.70
N LYS D 104 8.67 -30.23 17.54
CA LYS D 104 9.05 -29.69 18.83
C LYS D 104 10.10 -28.60 18.64
N LEU D 105 9.85 -27.45 19.28
CA LEU D 105 10.77 -26.33 19.04
C LEU D 105 11.85 -26.25 20.11
N GLY D 106 11.69 -26.99 21.19
CA GLY D 106 12.72 -27.06 22.22
C GLY D 106 14.14 -27.20 21.69
N PRO D 107 14.43 -28.12 20.79
CA PRO D 107 15.82 -28.26 20.33
C PRO D 107 16.35 -27.05 19.59
N HIS D 108 15.46 -26.15 19.17
CA HIS D 108 15.83 -24.96 18.41
C HIS D 108 15.72 -23.70 19.23
N ARG D 109 15.36 -23.82 20.50
CA ARG D 109 15.10 -22.64 21.34
C ARG D 109 16.23 -21.64 21.33
N LYS D 110 17.43 -22.15 21.62
CA LYS D 110 18.59 -21.26 21.65
C LYS D 110 18.78 -20.59 20.30
N ALA D 111 18.77 -21.31 19.18
CA ALA D 111 18.95 -20.63 17.90
C ALA D 111 17.85 -19.61 17.63
N LEU D 112 16.63 -19.95 18.01
CA LEU D 112 15.48 -19.06 17.79
C LEU D 112 15.61 -17.75 18.56
N VAL D 113 15.92 -17.86 19.84
CA VAL D 113 16.09 -16.64 20.64
C VAL D 113 17.26 -15.84 20.13
N ASP D 114 18.34 -16.54 19.75
CA ASP D 114 19.49 -15.80 19.23
C ASP D 114 19.16 -14.99 17.99
N SER D 115 18.44 -15.63 17.07
CA SER D 115 17.99 -14.91 15.88
C SER D 115 17.22 -13.66 16.27
N LEU D 116 16.24 -13.81 17.15
CA LEU D 116 15.42 -12.65 17.48
C LEU D 116 16.25 -11.54 18.14
N SER D 117 17.19 -11.95 18.99
CA SER D 117 18.05 -10.99 19.70
C SER D 117 18.86 -10.21 18.68
N ARG D 118 19.36 -11.01 17.73
CA ARG D 118 20.20 -10.43 16.70
C ARG D 118 19.39 -9.52 15.79
N LEU D 119 18.25 -9.98 15.28
CA LEU D 119 17.42 -9.19 14.38
C LEU D 119 16.89 -7.92 15.05
N MET D 120 16.46 -8.06 16.29
CA MET D 120 15.79 -6.70 16.88
C MET D 120 16.77 -5.90 17.92
N ARG D 121 17.98 -6.45 17.87
CA ARG D 121 19.09 -5.88 18.64
C ARG D 121 18.73 -5.78 20.10
N LEU D 122 18.13 -6.83 20.65
CA LEU D 122 17.79 -6.83 22.07
C LEU D 122 18.71 -7.81 22.80
N PRO D 123 19.08 -7.59 24.05
CA PRO D 123 19.81 -8.64 24.77
C PRO D 123 18.91 -9.84 25.01
N GLN D 124 19.51 -10.98 25.32
CA GLN D 124 18.71 -12.20 25.37
C GLN D 124 17.63 -12.19 26.44
N ASP D 125 17.80 -11.42 27.52
CA ASP D 125 16.83 -11.42 28.60
C ASP D 125 15.58 -10.60 28.28
N ARG D 126 15.63 -9.90 27.16
CA ARG D 126 14.55 -9.06 26.64
C ARG D 126 13.87 -9.68 25.41
N ILE D 127 14.29 -10.90 25.08
CA ILE D 127 13.58 -11.72 24.11
C ILE D 127 12.81 -12.78 24.87
N GLY D 128 11.49 -12.70 24.85
CA GLY D 128 10.77 -13.70 25.66
C GLY D 128 9.99 -14.59 24.71
N LEU D 129 10.49 -15.80 24.50
CA LEU D 129 9.85 -16.70 23.55
C LEU D 129 9.33 -17.94 24.25
N THR D 130 8.05 -18.30 24.17
CA THR D 130 7.60 -19.54 24.83
C THR D 130 6.88 -20.37 23.78
N PHE D 131 6.86 -21.69 23.94
CA PHE D 131 6.19 -22.56 22.99
C PHE D 131 5.01 -23.33 23.61
N LYS D 132 3.96 -23.52 22.82
CA LYS D 132 2.77 -24.27 23.19
C LYS D 132 2.30 -25.15 22.04
N THR D 133 1.75 -26.32 22.41
CA THR D 133 1.00 -27.11 21.45
C THR D 133 -0.42 -26.56 21.36
N SER D 134 -1.21 -27.01 20.40
CA SER D 134 -2.59 -26.52 20.29
C SER D 134 -3.54 -27.36 21.13
N GLU D 135 -3.01 -28.46 21.69
CA GLU D 135 -3.84 -29.40 22.43
C GLU D 135 -5.00 -29.87 21.57
N GLY D 136 -4.81 -29.94 20.26
CA GLY D 136 -5.84 -30.43 19.37
C GLY D 136 -6.80 -29.40 18.83
N LEU D 137 -6.67 -28.16 19.31
CA LEU D 137 -7.55 -27.10 18.87
C LEU D 137 -7.14 -26.54 17.52
N ALA D 138 -5.89 -26.72 17.13
CA ALA D 138 -5.43 -26.22 15.84
C ALA D 138 -4.22 -27.01 15.34
N PRO D 139 -4.50 -28.28 15.06
CA PRO D 139 -3.45 -29.21 14.68
C PRO D 139 -2.82 -28.84 13.33
N SER D 140 -3.50 -28.09 12.46
CA SER D 140 -2.90 -27.82 11.15
C SER D 140 -2.46 -26.37 10.98
N HIS D 141 -2.20 -25.68 12.08
CA HIS D 141 -1.76 -24.29 11.95
C HIS D 141 -0.57 -23.99 12.86
N VAL D 142 0.16 -22.94 12.48
CA VAL D 142 1.09 -22.30 13.40
C VAL D 142 0.49 -20.93 13.73
N GLN D 143 0.43 -20.58 15.00
CA GLN D 143 -0.10 -19.31 15.48
C GLN D 143 0.98 -18.58 16.29
N ALA D 144 1.00 -17.26 16.17
CA ALA D 144 1.91 -16.44 16.94
C ALA D 144 1.15 -15.21 17.46
N ARG D 145 1.43 -14.86 18.70
CA ARG D 145 0.88 -13.67 19.37
C ARG D 145 2.04 -12.99 20.10
N ALA D 146 2.23 -11.69 19.84
CA ALA D 146 3.39 -10.98 20.37
C ALA D 146 3.04 -9.63 20.98
N VAL D 147 3.74 -9.27 22.03
CA VAL D 147 3.74 -7.97 22.70
C VAL D 147 5.13 -7.34 22.60
N VAL D 148 5.19 -6.09 22.20
CA VAL D 148 6.47 -5.38 22.25
C VAL D 148 6.33 -4.15 23.14
N LEU D 149 7.48 -3.72 23.64
CA LEU D 149 7.50 -2.53 24.51
C LEU D 149 8.60 -1.61 24.03
N LEU D 150 8.38 -0.31 23.94
CA LEU D 150 9.39 0.60 23.43
C LEU D 150 9.47 1.83 24.36
N ASP D 151 10.66 2.37 24.35
CA ASP D 151 11.10 3.50 25.14
C ASP D 151 11.40 3.12 26.58
N ARG E 2 9.31 -4.06 32.59
CA ARG E 2 9.34 -5.28 31.77
C ARG E 2 7.94 -5.83 31.56
N ILE E 3 7.78 -6.44 30.39
CA ILE E 3 6.50 -7.11 30.14
C ILE E 3 6.72 -8.55 29.77
N GLY E 4 5.70 -9.37 30.02
CA GLY E 4 5.68 -10.74 29.51
C GLY E 4 4.28 -11.15 29.11
N TYR E 5 4.24 -12.08 28.16
CA TYR E 5 3.03 -12.59 27.56
C TYR E 5 3.04 -14.12 27.58
N GLY E 6 1.99 -14.78 28.08
CA GLY E 6 1.98 -16.24 28.08
C GLY E 6 0.60 -16.75 27.71
N GLU E 7 0.53 -17.99 27.22
CA GLU E 7 -0.70 -18.65 26.85
C GLU E 7 -0.67 -20.11 27.33
N ASP E 8 -1.88 -20.63 27.52
CA ASP E 8 -2.03 -22.06 27.80
C ASP E 8 -3.40 -22.49 27.31
N SER E 9 -3.52 -23.79 27.04
CA SER E 9 -4.88 -24.32 26.83
C SER E 9 -4.85 -25.80 27.19
N HIS E 10 -6.03 -26.33 27.52
CA HIS E 10 -6.16 -27.75 27.83
C HIS E 10 -7.52 -28.21 27.32
N ARG E 11 -7.52 -29.46 26.89
CA ARG E 11 -8.75 -30.17 26.55
C ARG E 11 -9.52 -30.43 27.84
N LEU E 12 -10.84 -30.37 27.74
CA LEU E 12 -11.85 -30.59 28.74
C LEU E 12 -12.59 -31.93 28.50
N GLU E 13 -12.59 -32.76 29.52
CA GLU E 13 -13.15 -34.09 29.58
C GLU E 13 -14.12 -34.27 30.75
N GLU E 14 -15.25 -34.89 30.47
CA GLU E 14 -16.27 -35.17 31.47
C GLU E 14 -15.71 -35.87 32.71
N GLY E 15 -16.09 -35.43 33.91
CA GLY E 15 -15.69 -36.16 35.10
C GLY E 15 -14.23 -36.04 35.46
N ARG E 16 -13.63 -34.93 35.02
CA ARG E 16 -12.28 -34.60 35.45
C ARG E 16 -12.36 -33.35 36.34
N PRO E 17 -11.46 -33.21 37.30
CA PRO E 17 -11.44 -31.95 38.06
C PRO E 17 -10.98 -30.79 37.18
N LEU E 18 -11.57 -29.63 37.46
CA LEU E 18 -11.17 -28.43 36.76
C LEU E 18 -10.45 -27.49 37.73
N TYR E 19 -9.18 -27.21 37.49
CA TYR E 19 -8.44 -26.28 38.35
C TYR E 19 -8.19 -24.96 37.63
N LEU E 20 -8.54 -23.82 38.22
CA LEU E 20 -8.25 -22.55 37.56
C LEU E 20 -7.81 -21.56 38.63
N CYS E 21 -6.69 -20.91 38.37
CA CYS E 21 -6.11 -19.97 39.31
C CYS E 21 -5.91 -20.63 40.67
N GLY E 22 -5.65 -21.94 40.69
CA GLY E 22 -5.44 -22.69 41.91
C GLY E 22 -6.67 -23.27 42.57
N LEU E 23 -7.87 -22.97 42.08
CA LEU E 23 -9.10 -23.37 42.74
C LEU E 23 -9.72 -24.54 41.96
N LEU E 24 -10.28 -25.46 42.74
CA LEU E 24 -11.14 -26.49 42.19
C LEU E 24 -12.46 -25.80 41.79
N ILE E 25 -12.82 -25.84 40.53
CA ILE E 25 -14.09 -25.27 40.04
C ILE E 25 -15.08 -26.41 39.88
N PRO E 26 -16.15 -26.43 40.66
CA PRO E 26 -17.19 -27.46 40.50
C PRO E 26 -17.62 -27.43 39.04
N SER E 27 -17.57 -28.56 38.37
CA SER E 27 -17.76 -28.60 36.94
C SER E 27 -18.09 -29.96 36.38
N PRO E 28 -18.91 -29.91 35.34
CA PRO E 28 -19.20 -31.09 34.51
C PRO E 28 -17.98 -31.61 33.77
N VAL E 29 -16.98 -30.76 33.50
CA VAL E 29 -15.75 -31.19 32.83
C VAL E 29 -14.51 -30.59 33.49
N GLY E 30 -13.40 -31.31 33.32
CA GLY E 30 -12.12 -30.96 33.91
C GLY E 30 -10.99 -31.21 32.93
N ALA E 31 -9.82 -30.65 33.27
CA ALA E 31 -8.71 -30.69 32.33
C ALA E 31 -8.22 -32.13 32.18
N LEU E 32 -8.09 -32.48 30.90
CA LEU E 32 -7.38 -33.71 30.59
C LEU E 32 -5.91 -33.32 30.38
N ALA E 33 -5.04 -33.78 31.29
CA ALA E 33 -3.63 -33.40 31.22
C ALA E 33 -2.79 -34.24 32.16
N HIS E 34 -1.47 -34.19 32.03
CA HIS E 34 -0.56 -34.85 32.97
C HIS E 34 -0.70 -34.09 34.31
N SER E 35 -0.38 -32.80 34.21
CA SER E 35 -0.44 -31.84 35.30
C SER E 35 -1.86 -31.53 35.72
N ASP E 36 -2.01 -30.60 36.67
CA ASP E 36 -3.37 -30.22 37.08
C ASP E 36 -4.13 -29.56 35.94
N GLY E 37 -3.49 -29.18 34.84
CA GLY E 37 -4.20 -28.64 33.71
C GLY E 37 -4.72 -27.22 33.96
N ASP E 38 -4.09 -26.56 34.92
CA ASP E 38 -4.57 -25.21 35.28
C ASP E 38 -4.06 -24.18 34.27
N ALA E 39 -4.90 -23.85 33.30
CA ALA E 39 -4.52 -23.00 32.18
C ALA E 39 -4.13 -21.60 32.64
N ALA E 40 -4.87 -21.12 33.61
CA ALA E 40 -4.58 -19.79 34.13
C ALA E 40 -3.19 -19.70 34.72
N MET E 41 -2.91 -20.65 35.60
CA MET E 41 -1.54 -20.61 36.28
C MET E 41 -0.33 -20.88 35.27
N HIS E 42 -0.63 -21.72 34.28
CA HIS E 42 0.41 -21.97 33.28
C HIS E 42 0.69 -20.73 32.45
N ALA E 43 -0.36 -20.04 32.01
CA ALA E 43 -0.14 -18.84 31.19
C ALA E 43 0.59 -17.75 31.97
N LEU E 44 0.20 -17.60 33.24
CA LEU E 44 0.87 -16.63 34.11
C LEU E 44 2.29 -17.03 34.40
N THR E 45 2.55 -18.33 34.58
CA THR E 45 3.96 -18.72 34.79
C THR E 45 4.81 -18.44 33.57
N ASP E 46 4.27 -18.77 32.38
CA ASP E 46 5.04 -18.57 31.14
C ASP E 46 5.27 -17.09 30.95
N ALA E 47 4.22 -16.29 31.25
CA ALA E 47 4.44 -14.85 30.99
C ALA E 47 5.54 -14.31 31.91
N LEU E 48 5.59 -14.76 33.16
CA LEU E 48 6.66 -14.34 34.08
C LEU E 48 8.03 -14.74 33.57
N LEU E 49 8.11 -16.02 33.16
CA LEU E 49 9.38 -16.52 32.64
C LEU E 49 9.78 -15.70 31.43
N SER E 50 8.82 -15.49 30.56
CA SER E 50 9.09 -14.78 29.32
C SER E 50 9.57 -13.35 29.58
N ALA E 51 9.10 -12.75 30.68
CA ALA E 51 9.53 -11.40 31.03
C ALA E 51 11.03 -11.25 31.22
N TYR E 52 11.73 -12.36 31.52
CA TYR E 52 13.18 -12.31 31.62
C TYR E 52 13.85 -13.22 30.62
N GLY E 53 13.16 -13.72 29.60
CA GLY E 53 13.77 -14.62 28.64
C GLY E 53 14.23 -15.95 29.20
N LEU E 54 13.66 -16.38 30.32
CA LEU E 54 14.09 -17.56 31.04
C LEU E 54 13.67 -18.87 30.38
N GLY E 55 12.75 -18.89 29.43
CA GLY E 55 12.33 -20.18 28.84
C GLY E 55 10.82 -20.32 28.97
N ASP E 56 10.32 -21.51 29.21
CA ASP E 56 8.87 -21.70 29.41
C ASP E 56 8.71 -22.86 30.39
N ILE E 57 7.47 -23.17 30.74
CA ILE E 57 7.26 -24.14 31.82
C ILE E 57 7.76 -25.53 31.44
N GLY E 58 7.66 -25.86 30.16
CA GLY E 58 8.14 -27.17 29.70
C GLY E 58 9.64 -27.27 29.85
N LEU E 59 10.33 -26.14 29.66
CA LEU E 59 11.78 -26.15 29.82
C LEU E 59 12.14 -26.19 31.30
N LEU E 60 11.56 -25.32 32.14
CA LEU E 60 12.02 -25.24 33.52
C LEU E 60 11.39 -26.28 34.46
N PHE E 61 10.28 -26.88 34.09
CA PHE E 61 9.59 -27.76 35.03
C PHE E 61 9.21 -29.11 34.42
N PRO E 62 10.16 -29.86 33.88
CA PRO E 62 9.82 -31.17 33.32
C PRO E 62 9.59 -32.21 34.41
N ASP E 63 8.80 -33.25 34.09
CA ASP E 63 8.51 -34.24 35.13
C ASP E 63 9.67 -35.23 35.23
N THR E 64 10.65 -35.02 34.37
CA THR E 64 11.91 -35.75 34.51
C THR E 64 12.60 -35.34 35.80
N ASP E 65 12.32 -34.11 36.21
CA ASP E 65 12.91 -33.59 37.45
C ASP E 65 12.02 -33.91 38.64
N PRO E 66 12.61 -34.60 39.60
CA PRO E 66 11.90 -35.03 40.80
C PRO E 66 11.29 -33.85 41.55
N ARG E 67 11.91 -32.68 41.50
CA ARG E 67 11.42 -31.48 42.14
C ARG E 67 10.04 -31.08 41.65
N TRP E 68 9.82 -31.31 40.35
CA TRP E 68 8.65 -30.68 39.73
C TRP E 68 7.61 -31.72 39.39
N ARG E 69 8.07 -32.98 39.36
CA ARG E 69 7.12 -34.00 38.92
C ARG E 69 6.00 -34.13 39.96
N GLY E 70 4.77 -34.19 39.45
CA GLY E 70 3.56 -34.31 40.24
C GLY E 70 3.20 -33.14 41.11
N GLU E 71 3.87 -32.01 40.90
CA GLU E 71 3.52 -30.83 41.69
C GLU E 71 2.34 -30.04 41.12
N ARG E 72 1.59 -29.38 41.99
CA ARG E 72 0.49 -28.50 41.58
C ARG E 72 1.07 -27.22 40.98
N SER E 73 0.32 -26.66 40.05
CA SER E 73 0.79 -25.55 39.25
C SER E 73 1.25 -24.38 40.10
N GLU E 74 0.69 -24.13 41.28
CA GLU E 74 1.15 -23.01 42.11
C GLU E 74 2.64 -23.12 42.47
N VAL E 75 3.11 -24.36 42.54
CA VAL E 75 4.55 -24.60 42.73
C VAL E 75 5.38 -23.95 41.64
N PHE E 76 5.00 -24.15 40.39
CA PHE E 76 5.76 -23.57 39.27
C PHE E 76 5.69 -22.05 39.20
N LEU E 77 4.48 -21.53 39.45
CA LEU E 77 4.32 -20.08 39.48
C LEU E 77 5.23 -19.47 40.55
N ARG E 78 5.17 -20.02 41.78
CA ARG E 78 5.98 -19.41 42.84
C ARG E 78 7.47 -19.46 42.54
N GLU E 79 7.90 -20.48 41.80
CA GLU E 79 9.31 -20.63 41.44
C GLU E 79 9.63 -19.59 40.37
N ALA E 80 8.68 -19.46 39.43
CA ALA E 80 8.85 -18.39 38.47
C ALA E 80 9.07 -17.07 39.20
N MET E 81 8.25 -16.80 40.22
CA MET E 81 8.86 -15.20 40.75
C MET E 81 9.69 -15.48 41.61
N ARG E 82 10.19 -16.57 42.18
CA ARG E 82 11.49 -16.58 42.85
C ARG E 82 12.61 -16.21 41.88
N LEU E 83 12.60 -16.80 40.68
CA LEU E 83 13.67 -16.52 39.71
C LEU E 83 13.72 -15.09 39.23
N VAL E 84 12.55 -14.50 38.96
CA VAL E 84 12.62 -13.13 38.42
C VAL E 84 12.91 -12.16 39.56
N GLU E 85 12.38 -12.43 40.73
CA GLU E 85 12.71 -11.66 41.93
C GLU E 85 14.20 -11.71 42.26
N ALA E 86 14.86 -12.85 42.13
CA ALA E 86 16.32 -12.96 42.29
C ALA E 86 17.05 -12.08 41.27
N ARG E 87 16.38 -11.66 40.20
CA ARG E 87 16.96 -10.81 39.18
C ARG E 87 16.63 -9.33 39.35
N GLY E 88 16.03 -8.95 40.47
CA GLY E 88 15.67 -7.57 40.74
C GLY E 88 14.22 -7.26 40.40
N ALA E 89 13.48 -8.17 39.79
CA ALA E 89 12.12 -7.88 39.38
C ALA E 89 11.19 -7.66 40.56
N LYS E 90 10.25 -6.74 40.34
CA LYS E 90 9.12 -6.56 41.25
C LYS E 90 7.86 -6.66 40.37
N LEU E 91 7.12 -7.73 40.57
CA LEU E 91 5.86 -7.94 39.84
C LEU E 91 4.91 -6.79 40.20
N LEU E 92 4.25 -6.23 39.20
CA LEU E 92 3.42 -5.05 39.37
C LEU E 92 1.97 -5.34 39.07
N GLN E 93 1.72 -6.10 38.00
CA GLN E 93 0.34 -6.33 37.61
C GLN E 93 0.20 -7.62 36.80
N ALA E 94 -0.94 -8.28 36.88
CA ALA E 94 -1.25 -9.41 36.01
C ALA E 94 -2.66 -9.23 35.42
N SER E 95 -2.74 -9.36 34.09
CA SER E 95 -4.03 -9.19 33.41
C SER E 95 -4.25 -10.36 32.47
N LEU E 96 -5.30 -11.13 32.75
CA LEU E 96 -5.48 -12.34 31.95
C LEU E 96 -6.93 -12.59 31.58
N VAL E 97 -7.11 -13.38 30.56
CA VAL E 97 -8.41 -13.72 30.05
C VAL E 97 -8.53 -15.26 30.03
N LEU E 98 -9.62 -15.74 30.62
CA LEU E 98 -9.94 -17.16 30.56
C LEU E 98 -11.08 -17.37 29.57
N THR E 99 -10.91 -18.33 28.66
CA THR E 99 -11.92 -18.62 27.64
C THR E 99 -12.44 -20.04 27.78
N LEU E 100 -13.74 -20.13 28.04
CA LEU E 100 -14.33 -21.48 28.09
C LEU E 100 -15.85 -21.38 28.17
N ASP E 101 -16.52 -22.31 27.49
CA ASP E 101 -17.97 -22.22 27.33
C ASP E 101 -18.69 -22.46 28.65
N ARG E 102 -18.13 -23.39 29.41
CA ARG E 102 -18.74 -23.75 30.69
C ARG E 102 -17.68 -24.43 31.55
N PRO E 103 -17.89 -24.40 32.86
CA PRO E 103 -19.04 -23.74 33.49
C PRO E 103 -18.85 -22.24 33.61
N LYS E 104 -19.89 -21.58 34.10
CA LYS E 104 -19.90 -20.17 34.44
C LYS E 104 -18.81 -19.89 35.46
N LEU E 105 -17.92 -18.93 35.22
CA LEU E 105 -16.92 -18.60 36.23
C LEU E 105 -17.37 -17.44 37.13
N GLY E 106 -18.33 -16.64 36.68
CA GLY E 106 -18.79 -15.50 37.47
C GLY E 106 -19.08 -15.77 38.92
N PRO E 107 -19.81 -16.83 39.27
CA PRO E 107 -20.06 -17.10 40.69
C PRO E 107 -18.79 -17.34 41.48
N HIS E 108 -17.67 -17.62 40.82
CA HIS E 108 -16.43 -17.86 41.53
C HIS E 108 -15.45 -16.71 41.40
N ARG E 109 -15.90 -15.58 40.83
CA ARG E 109 -14.98 -14.47 40.59
C ARG E 109 -14.20 -14.01 41.80
N LYS E 110 -14.85 -13.87 42.96
CA LYS E 110 -14.09 -13.33 44.09
C LYS E 110 -12.99 -14.28 44.53
N ALA E 111 -13.35 -15.55 44.53
CA ALA E 111 -12.39 -16.57 44.98
C ALA E 111 -11.21 -16.67 44.01
N LEU E 112 -11.50 -16.61 42.72
CA LEU E 112 -10.42 -16.66 41.73
C LEU E 112 -9.46 -15.48 41.82
N VAL E 113 -10.03 -14.28 41.95
CA VAL E 113 -9.18 -13.10 42.08
C VAL E 113 -8.43 -13.13 43.41
N ASP E 114 -9.13 -13.54 44.47
CA ASP E 114 -8.43 -13.63 45.76
C ASP E 114 -7.24 -14.59 45.66
N SER E 115 -7.48 -15.73 45.02
CA SER E 115 -6.41 -16.71 44.87
C SER E 115 -5.19 -16.13 44.16
N LEU E 116 -5.41 -15.40 43.06
CA LEU E 116 -4.32 -14.82 42.28
C LEU E 116 -3.59 -13.74 43.07
N SER E 117 -4.39 -12.93 43.78
CA SER E 117 -3.85 -11.87 44.62
C SER E 117 -2.87 -12.40 45.65
N ARG E 118 -3.29 -13.50 46.29
CA ARG E 118 -2.45 -14.14 47.31
C ARG E 118 -1.26 -14.82 46.66
N LEU E 119 -1.47 -15.55 45.57
CA LEU E 119 -0.35 -16.25 44.91
C LEU E 119 0.73 -15.29 44.45
N MET E 120 0.28 -14.25 43.72
CA MET E 120 1.26 -13.29 43.24
C MET E 120 1.63 -12.18 44.15
N ARG E 121 1.02 -12.05 45.30
CA ARG E 121 1.22 -10.93 46.24
C ARG E 121 0.92 -9.58 45.63
N LEU E 122 -0.20 -9.51 44.90
CA LEU E 122 -0.62 -8.26 44.28
C LEU E 122 -1.92 -7.80 44.89
N PRO E 123 -2.10 -6.49 44.99
CA PRO E 123 -3.40 -5.97 45.44
C PRO E 123 -4.47 -6.36 44.42
N GLN E 124 -5.69 -6.58 44.87
CA GLN E 124 -6.77 -7.03 44.00
C GLN E 124 -6.97 -6.10 42.81
N ASP E 125 -6.65 -4.81 42.93
CA ASP E 125 -6.86 -3.95 41.77
C ASP E 125 -5.77 -4.15 40.74
N ARG E 126 -4.83 -5.04 41.00
CA ARG E 126 -3.69 -5.24 40.10
C ARG E 126 -3.72 -6.65 39.51
N ILE E 127 -4.85 -7.30 39.76
CA ILE E 127 -5.27 -8.56 39.21
C ILE E 127 -6.47 -8.29 38.28
N GLY E 128 -6.19 -8.28 36.97
CA GLY E 128 -7.27 -8.07 35.99
C GLY E 128 -7.65 -9.42 35.41
N LEU E 129 -8.79 -9.95 35.81
CA LEU E 129 -9.27 -11.25 35.35
C LEU E 129 -10.59 -11.11 34.61
N THR E 130 -10.67 -11.53 33.36
CA THR E 130 -11.94 -11.47 32.65
C THR E 130 -12.26 -12.84 32.08
N PHE E 131 -13.54 -13.10 31.85
CA PHE E 131 -13.97 -14.40 31.35
C PHE E 131 -14.77 -14.25 30.06
N LYS E 132 -14.45 -15.15 29.12
CA LYS E 132 -15.24 -15.24 27.91
C LYS E 132 -15.69 -16.67 27.62
N THR E 133 -16.80 -16.83 26.93
CA THR E 133 -17.08 -18.11 26.30
C THR E 133 -16.34 -18.17 24.96
N SER E 134 -16.38 -19.30 24.27
CA SER E 134 -15.66 -19.32 22.99
C SER E 134 -16.61 -19.05 21.83
N GLU E 135 -17.86 -18.71 22.17
CA GLU E 135 -18.93 -18.54 21.19
C GLU E 135 -18.94 -19.73 20.22
N GLY E 136 -18.69 -20.92 20.76
CA GLY E 136 -18.81 -22.14 19.99
C GLY E 136 -17.58 -22.49 19.19
N LEU E 137 -16.56 -21.63 19.17
CA LEU E 137 -15.30 -21.92 18.52
C LEU E 137 -14.43 -22.96 19.20
N ALA E 138 -14.51 -23.16 20.51
CA ALA E 138 -13.68 -24.08 21.28
C ALA E 138 -14.37 -24.62 22.53
N PRO E 139 -15.43 -25.40 22.26
CA PRO E 139 -16.35 -25.89 23.28
C PRO E 139 -15.76 -26.99 24.14
N SER E 140 -14.66 -27.58 23.71
CA SER E 140 -14.12 -28.64 24.53
C SER E 140 -12.78 -28.26 25.11
N HIS E 141 -12.52 -26.96 25.18
CA HIS E 141 -11.23 -26.56 25.70
C HIS E 141 -11.32 -25.44 26.71
N VAL E 142 -10.26 -25.30 27.50
CA VAL E 142 -10.12 -24.07 28.28
C VAL E 142 -8.88 -23.38 27.74
N GLN E 143 -8.96 -22.06 27.54
CA GLN E 143 -7.81 -21.29 27.07
C GLN E 143 -7.54 -20.13 28.00
N ALA E 144 -6.26 -19.81 28.13
CA ALA E 144 -5.89 -18.65 28.93
C ALA E 144 -4.80 -17.89 28.19
N ARG E 145 -4.92 -16.57 28.28
CA ARG E 145 -3.89 -15.68 27.75
C ARG E 145 -3.59 -14.58 28.77
N ALA E 146 -2.30 -14.30 28.98
CA ALA E 146 -1.99 -13.42 30.09
C ALA E 146 -0.86 -12.45 29.79
N VAL E 147 -0.97 -11.26 30.33
CA VAL E 147 0.12 -10.29 30.28
C VAL E 147 0.56 -9.96 31.70
N VAL E 148 1.86 -9.84 31.94
CA VAL E 148 2.37 -9.40 33.24
C VAL E 148 3.25 -8.15 33.04
N LEU E 149 3.23 -7.33 34.08
CA LEU E 149 4.05 -6.13 34.14
C LEU E 149 4.88 -6.10 35.42
N LEU E 150 6.15 -5.82 35.25
CA LEU E 150 7.13 -5.78 36.34
C LEU E 150 7.99 -4.51 36.31
N ASP E 151 8.39 -4.12 37.52
CA ASP E 151 9.24 -3.02 37.91
C ASP E 151 8.52 -1.67 37.87
N ARG F 2 -0.06 1.12 34.12
CA ARG F 2 -1.04 0.04 34.17
C ARG F 2 -1.33 -0.47 32.75
N ILE F 3 -1.57 -1.77 32.75
CA ILE F 3 -1.82 -2.48 31.49
C ILE F 3 -3.07 -3.33 31.64
N GLY F 4 -3.81 -3.51 30.58
CA GLY F 4 -4.92 -4.44 30.58
C GLY F 4 -4.96 -5.17 29.24
N TYR F 5 -5.52 -6.37 29.29
CA TYR F 5 -5.69 -7.27 28.15
C TYR F 5 -7.13 -7.77 28.13
N GLY F 6 -7.75 -7.73 26.96
CA GLY F 6 -9.12 -8.22 26.83
C GLY F 6 -9.26 -8.98 25.51
N GLU F 7 -10.27 -9.83 25.44
CA GLU F 7 -10.59 -10.59 24.24
C GLU F 7 -12.10 -10.56 23.98
N ASP F 8 -12.49 -10.86 22.75
CA ASP F 8 -13.92 -11.07 22.54
C ASP F 8 -14.10 -11.79 21.21
N SER F 9 -15.19 -12.53 21.03
CA SER F 9 -15.42 -13.11 19.72
C SER F 9 -16.94 -13.23 19.57
N HIS F 10 -17.38 -13.26 18.31
CA HIS F 10 -18.80 -13.42 17.99
C HIS F 10 -18.92 -14.26 16.73
N ARG F 11 -19.93 -15.12 16.74
CA ARG F 11 -20.38 -15.91 15.60
C ARG F 11 -20.92 -14.91 14.59
N LEU F 12 -20.57 -15.12 13.34
CA LEU F 12 -21.04 -14.33 12.23
C LEU F 12 -22.15 -15.08 11.48
N GLU F 13 -23.25 -14.40 11.19
CA GLU F 13 -24.32 -15.07 10.42
C GLU F 13 -24.73 -14.19 9.26
N GLU F 14 -25.06 -14.76 8.12
CA GLU F 14 -25.43 -14.01 6.91
C GLU F 14 -26.59 -13.07 7.17
N GLY F 15 -26.64 -11.88 6.58
CA GLY F 15 -27.80 -11.03 6.72
C GLY F 15 -27.96 -10.38 8.07
N ARG F 16 -26.89 -10.24 8.84
CA ARG F 16 -26.96 -9.48 10.10
C ARG F 16 -26.01 -8.30 10.00
N PRO F 17 -26.26 -7.17 10.62
CA PRO F 17 -25.30 -6.09 10.49
C PRO F 17 -24.03 -6.36 11.30
N LEU F 18 -22.95 -5.80 10.76
CA LEU F 18 -21.63 -5.92 11.34
C LEU F 18 -21.20 -4.57 11.92
N TYR F 19 -20.91 -4.64 13.22
CA TYR F 19 -20.44 -3.46 13.92
C TYR F 19 -19.02 -3.74 14.40
N LEU F 20 -18.13 -2.85 13.99
CA LEU F 20 -16.77 -2.93 14.51
C LEU F 20 -16.25 -1.54 14.86
N CYS F 21 -15.65 -1.42 16.03
CA CYS F 21 -15.08 -0.17 16.51
C CYS F 21 -16.15 0.93 16.55
N GLY F 22 -17.40 0.57 16.83
CA GLY F 22 -18.49 1.53 16.90
C GLY F 22 -19.17 1.83 15.57
N LEU F 23 -18.65 1.27 14.48
CA LEU F 23 -19.08 1.53 13.12
C LEU F 23 -19.84 0.39 12.47
N LEU F 24 -20.93 0.77 11.79
CA LEU F 24 -21.51 -0.24 10.89
C LEU F 24 -20.59 -0.48 9.70
N ILE F 25 -20.27 -1.74 9.44
CA ILE F 25 -19.44 -2.15 8.30
C ILE F 25 -20.28 -2.93 7.31
N PRO F 26 -20.45 -2.42 6.10
CA PRO F 26 -21.20 -3.18 5.08
C PRO F 26 -20.57 -4.55 4.89
N SER F 27 -21.39 -5.60 5.01
CA SER F 27 -20.92 -6.96 5.08
C SER F 27 -22.08 -7.96 4.85
N PRO F 28 -21.75 -9.08 4.19
CA PRO F 28 -22.71 -10.16 3.97
C PRO F 28 -23.02 -10.84 5.30
N VAL F 29 -22.13 -10.62 6.28
CA VAL F 29 -22.28 -11.34 7.55
C VAL F 29 -22.17 -10.41 8.74
N GLY F 30 -22.85 -10.81 9.82
CA GLY F 30 -22.86 -9.94 11.00
C GLY F 30 -23.00 -10.78 12.25
N ALA F 31 -22.71 -10.15 13.38
CA ALA F 31 -22.62 -10.95 14.60
C ALA F 31 -23.99 -11.42 15.07
N LEU F 32 -23.96 -12.66 15.55
CA LEU F 32 -25.07 -13.25 16.28
C LEU F 32 -24.91 -13.10 17.79
N ALA F 33 -25.64 -12.15 18.38
CA ALA F 33 -25.49 -12.04 19.84
C ALA F 33 -26.62 -11.20 20.43
N HIS F 34 -26.61 -11.03 21.75
CA HIS F 34 -27.58 -10.16 22.42
C HIS F 34 -27.16 -8.69 22.37
N SER F 35 -25.86 -8.44 22.36
CA SER F 35 -25.25 -7.13 22.22
C SER F 35 -25.15 -6.74 20.75
N ASP F 36 -24.38 -5.70 20.39
CA ASP F 36 -24.20 -5.50 18.95
C ASP F 36 -23.08 -6.41 18.45
N GLY F 37 -22.55 -7.25 19.33
CA GLY F 37 -21.49 -8.15 18.89
C GLY F 37 -20.26 -7.42 18.40
N ASP F 38 -20.09 -6.14 18.76
CA ASP F 38 -18.92 -5.38 18.33
C ASP F 38 -17.69 -5.87 19.09
N ALA F 39 -16.97 -6.81 18.52
CA ALA F 39 -15.87 -7.50 19.21
C ALA F 39 -14.75 -6.54 19.55
N ALA F 40 -14.55 -5.51 18.71
CA ALA F 40 -13.49 -4.54 19.04
C ALA F 40 -13.88 -3.77 20.31
N MET F 41 -15.13 -3.35 20.35
CA MET F 41 -15.41 -2.53 21.76
C MET F 41 -15.41 -3.49 22.77
N HIS F 42 -15.98 -4.68 22.78
CA HIS F 42 -15.91 -5.55 23.95
C HIS F 42 -14.50 -5.81 24.43
N ALA F 43 -13.60 -6.14 23.50
CA ALA F 43 -12.23 -6.45 23.93
C ALA F 43 -11.57 -5.26 24.59
N LEU F 44 -11.77 -4.09 23.98
CA LEU F 44 -11.24 -2.86 24.52
C LEU F 44 -11.82 -2.53 25.90
N THR F 45 -13.11 -2.72 26.06
CA THR F 45 -13.80 -2.46 27.31
C THR F 45 -13.31 -3.41 28.40
N ASP F 46 -13.28 -4.72 28.10
CA ASP F 46 -12.71 -5.63 29.09
C ASP F 46 -11.27 -5.29 29.44
N ALA F 47 -10.46 -4.88 28.45
CA ALA F 47 -9.07 -4.52 28.73
C ALA F 47 -8.98 -3.36 29.72
N LEU F 48 -9.81 -2.37 29.49
CA LEU F 48 -9.86 -1.19 30.37
C LEU F 48 -10.24 -1.56 31.79
N LEU F 49 -11.28 -2.38 31.88
CA LEU F 49 -11.75 -2.87 33.19
C LEU F 49 -10.69 -3.71 33.89
N SER F 50 -10.11 -4.65 33.11
CA SER F 50 -9.06 -5.50 33.65
C SER F 50 -7.91 -4.69 34.23
N ALA F 51 -7.50 -3.58 33.60
CA ALA F 51 -6.39 -2.76 34.08
C ALA F 51 -6.58 -2.21 35.49
N TYR F 52 -7.80 -2.22 36.00
CA TYR F 52 -8.03 -1.75 37.36
C TYR F 52 -8.67 -2.83 38.21
N GLY F 53 -8.66 -4.08 37.74
CA GLY F 53 -9.31 -5.21 38.34
C GLY F 53 -10.81 -5.03 38.55
N LEU F 54 -11.54 -4.42 37.59
CA LEU F 54 -12.90 -3.99 37.86
C LEU F 54 -13.92 -5.07 37.56
N GLY F 55 -13.43 -6.12 36.88
CA GLY F 55 -14.34 -7.20 36.48
C GLY F 55 -14.35 -7.32 34.95
N ASP F 56 -15.49 -7.62 34.36
CA ASP F 56 -15.62 -7.71 32.90
C ASP F 56 -17.00 -7.24 32.47
N ILE F 57 -17.26 -7.20 31.17
CA ILE F 57 -18.46 -6.56 30.66
C ILE F 57 -19.74 -7.29 31.05
N GLY F 58 -19.62 -8.59 31.24
CA GLY F 58 -20.73 -9.46 31.60
C GLY F 58 -21.16 -9.09 33.02
N LEU F 59 -20.13 -8.80 33.81
CA LEU F 59 -20.27 -8.33 35.18
C LEU F 59 -20.93 -6.95 35.14
N LEU F 60 -20.26 -6.01 34.49
CA LEU F 60 -20.60 -4.61 34.73
C LEU F 60 -21.76 -4.09 33.90
N PHE F 61 -22.15 -4.77 32.84
CA PHE F 61 -23.20 -4.30 31.93
C PHE F 61 -24.18 -5.41 31.58
N PRO F 62 -24.72 -6.14 32.54
CA PRO F 62 -25.65 -7.21 32.12
C PRO F 62 -26.95 -6.64 31.57
N ASP F 63 -27.75 -7.41 30.86
CA ASP F 63 -29.00 -6.93 30.30
C ASP F 63 -30.09 -6.63 31.30
N THR F 64 -30.01 -7.23 32.49
CA THR F 64 -30.96 -7.02 33.59
C THR F 64 -31.03 -5.56 34.01
N ASP F 65 -29.86 -4.93 33.97
CA ASP F 65 -29.58 -3.53 34.23
C ASP F 65 -30.08 -2.65 33.10
N PRO F 66 -31.21 -2.00 33.37
CA PRO F 66 -31.82 -1.03 32.48
C PRO F 66 -30.88 0.00 31.89
N ARG F 67 -29.81 0.42 32.58
CA ARG F 67 -29.03 1.45 31.91
C ARG F 67 -28.34 0.85 30.67
N TRP F 68 -28.14 -0.47 30.73
CA TRP F 68 -27.29 -1.10 29.71
C TRP F 68 -27.99 -1.95 28.66
N ARG F 69 -29.08 -2.63 29.01
CA ARG F 69 -29.80 -3.45 28.04
C ARG F 69 -30.17 -2.69 26.76
N GLY F 70 -29.82 -3.32 25.63
CA GLY F 70 -30.14 -2.71 24.36
C GLY F 70 -29.16 -1.71 23.81
N GLU F 71 -28.18 -1.27 24.58
CA GLU F 71 -27.32 -0.17 24.17
C GLU F 71 -26.15 -0.62 23.32
N ARG F 72 -25.70 0.31 22.48
CA ARG F 72 -24.52 -0.08 21.72
C ARG F 72 -23.31 -0.16 22.63
N SER F 73 -22.37 -1.01 22.22
CA SER F 73 -21.16 -1.26 22.96
C SER F 73 -20.38 -0.03 23.34
N GLU F 74 -20.44 1.02 22.52
CA GLU F 74 -19.65 2.20 22.83
C GLU F 74 -20.04 2.79 24.17
N VAL F 75 -21.32 2.57 24.50
CA VAL F 75 -21.84 3.03 25.80
C VAL F 75 -21.02 2.37 26.89
N PHE F 76 -20.76 1.07 26.80
CA PHE F 76 -20.04 0.39 27.89
C PHE F 76 -18.59 0.87 27.95
N LEU F 77 -18.03 1.08 26.74
CA LEU F 77 -16.65 1.54 26.67
C LEU F 77 -16.53 2.90 27.36
N ARG F 78 -17.42 3.85 27.10
CA ARG F 78 -17.28 5.14 27.78
C ARG F 78 -17.42 4.99 29.30
N GLU F 79 -18.31 4.12 29.76
CA GLU F 79 -18.47 3.86 31.19
C GLU F 79 -17.19 3.26 31.76
N ALA F 80 -16.53 2.36 31.00
CA ALA F 80 -15.31 1.80 31.54
C ALA F 80 -14.26 2.91 31.65
N MET F 81 -14.24 3.77 30.63
CA MET F 81 -13.41 4.94 30.61
C MET F 81 -13.56 5.92 31.98
N ARG F 82 -14.87 6.10 32.14
CA ARG F 82 -15.32 6.90 33.30
C ARG F 82 -14.82 6.27 34.60
N LEU F 83 -15.07 4.98 34.77
CA LEU F 83 -14.61 4.33 36.01
C LEU F 83 -13.11 4.43 36.21
N VAL F 84 -12.30 4.27 35.15
CA VAL F 84 -10.86 4.27 35.44
C VAL F 84 -10.39 5.71 35.57
N GLU F 85 -11.04 6.66 34.89
CA GLU F 85 -10.56 8.03 35.02
C GLU F 85 -10.79 8.49 36.46
N ALA F 86 -11.88 8.01 37.03
CA ALA F 86 -12.25 8.37 38.41
C ALA F 86 -11.19 7.82 39.37
N ARG F 87 -10.43 6.83 38.93
CA ARG F 87 -9.33 6.27 39.70
C ARG F 87 -8.01 7.00 39.44
N GLY F 88 -8.05 8.09 38.68
CA GLY F 88 -6.82 8.81 38.42
C GLY F 88 -6.10 8.30 37.20
N ALA F 89 -6.72 7.36 36.48
CA ALA F 89 -6.10 6.81 35.27
C ALA F 89 -6.14 7.78 34.10
N LYS F 90 -5.11 7.83 33.27
CA LYS F 90 -5.04 8.58 32.03
C LYS F 90 -4.77 7.55 30.92
N LEU F 91 -5.73 7.21 30.08
CA LEU F 91 -5.44 6.21 29.05
C LEU F 91 -4.39 6.77 28.10
N LEU F 92 -3.41 5.91 27.78
CA LEU F 92 -2.28 6.28 26.94
C LEU F 92 -2.29 5.67 25.55
N GLN F 93 -2.72 4.42 25.43
CA GLN F 93 -2.60 3.67 24.19
C GLN F 93 -3.51 2.44 24.20
N ALA F 94 -4.00 2.07 23.03
CA ALA F 94 -4.77 0.90 22.72
C ALA F 94 -4.18 0.20 21.50
N SER F 95 -3.87 -1.08 21.64
CA SER F 95 -3.32 -1.84 20.52
C SER F 95 -4.16 -3.11 20.39
N LEU F 96 -4.80 -3.30 19.23
CA LEU F 96 -5.64 -4.48 19.14
C LEU F 96 -5.65 -5.09 17.74
N VAL F 97 -6.07 -6.35 17.73
CA VAL F 97 -6.05 -7.11 16.49
C VAL F 97 -7.45 -7.66 16.21
N LEU F 98 -7.97 -7.45 15.02
CA LEU F 98 -9.23 -8.03 14.62
C LEU F 98 -8.97 -9.17 13.63
N THR F 99 -9.53 -10.33 13.93
CA THR F 99 -9.36 -11.50 13.07
C THR F 99 -10.70 -11.92 12.46
N LEU F 100 -10.75 -11.92 11.14
CA LEU F 100 -11.95 -12.34 10.44
C LEU F 100 -11.69 -12.44 8.95
N ASP F 101 -12.33 -13.43 8.33
CA ASP F 101 -12.04 -13.68 6.92
C ASP F 101 -12.67 -12.64 6.00
N ARG F 102 -13.90 -12.25 6.28
CA ARG F 102 -14.63 -11.27 5.49
C ARG F 102 -15.53 -10.45 6.39
N PRO F 103 -15.85 -9.21 6.06
CA PRO F 103 -15.40 -8.53 4.85
C PRO F 103 -13.97 -8.04 5.05
N LYS F 104 -13.36 -7.52 4.00
CA LYS F 104 -12.06 -6.87 4.13
C LYS F 104 -12.20 -5.51 4.81
N LEU F 105 -11.35 -5.32 5.84
CA LEU F 105 -11.45 -4.12 6.64
C LEU F 105 -10.58 -3.00 6.10
N GLY F 106 -9.57 -3.33 5.30
CA GLY F 106 -8.68 -2.37 4.68
C GLY F 106 -9.34 -1.09 4.19
N PRO F 107 -10.38 -1.18 3.36
CA PRO F 107 -11.06 0.02 2.88
C PRO F 107 -11.68 0.84 4.02
N HIS F 108 -11.80 0.28 5.22
CA HIS F 108 -12.46 0.99 6.32
C HIS F 108 -11.49 1.42 7.40
N ARG F 109 -10.21 1.17 7.18
CA ARG F 109 -9.15 1.37 8.17
C ARG F 109 -9.17 2.80 8.68
N LYS F 110 -9.15 3.79 7.79
CA LYS F 110 -9.18 5.17 8.24
C LYS F 110 -10.41 5.43 9.11
N ALA F 111 -11.58 4.99 8.65
CA ALA F 111 -12.77 5.23 9.46
C ALA F 111 -12.66 4.53 10.80
N LEU F 112 -12.16 3.30 10.81
CA LEU F 112 -12.13 2.58 12.09
C LEU F 112 -11.21 3.21 13.11
N VAL F 113 -10.03 3.65 12.65
CA VAL F 113 -9.05 4.27 13.53
C VAL F 113 -9.55 5.62 14.06
N ASP F 114 -10.12 6.42 13.16
CA ASP F 114 -10.76 7.68 13.52
C ASP F 114 -11.82 7.50 14.61
N SER F 115 -12.64 6.47 14.41
CA SER F 115 -13.63 6.16 15.45
C SER F 115 -12.97 5.84 16.78
N LEU F 116 -11.97 4.95 16.79
CA LEU F 116 -11.35 4.57 18.06
C LEU F 116 -10.67 5.76 18.71
N SER F 117 -10.04 6.55 17.85
CA SER F 117 -9.36 7.75 18.34
C SER F 117 -10.33 8.72 18.97
N ARG F 118 -11.47 8.98 18.34
CA ARG F 118 -12.48 9.89 18.89
C ARG F 118 -13.09 9.36 20.18
N LEU F 119 -13.43 8.08 20.23
CA LEU F 119 -14.10 7.47 21.38
C LEU F 119 -13.18 7.36 22.58
N MET F 120 -11.90 7.07 22.38
CA MET F 120 -11.08 6.94 23.70
C MET F 120 -10.26 8.20 23.89
N ARG F 121 -10.42 9.18 22.99
CA ARG F 121 -9.67 10.42 23.05
C ARG F 121 -8.16 10.21 23.04
N LEU F 122 -7.66 9.44 22.08
CA LEU F 122 -6.24 9.20 21.94
C LEU F 122 -5.77 9.70 20.58
N PRO F 123 -4.54 10.18 20.50
CA PRO F 123 -4.00 10.52 19.19
C PRO F 123 -3.95 9.26 18.32
N GLN F 124 -4.08 9.46 17.01
CA GLN F 124 -4.11 8.29 16.11
C GLN F 124 -2.87 7.42 16.17
N ASP F 125 -1.73 7.96 16.60
CA ASP F 125 -0.49 7.18 16.67
C ASP F 125 -0.52 6.30 17.90
N ARG F 126 -1.54 6.48 18.72
CA ARG F 126 -1.69 5.73 19.96
C ARG F 126 -2.88 4.77 19.85
N ILE F 127 -3.36 4.65 18.61
CA ILE F 127 -4.36 3.67 18.22
C ILE F 127 -3.68 2.66 17.28
N GLY F 128 -3.46 1.47 17.83
CA GLY F 128 -2.77 0.49 16.98
C GLY F 128 -3.76 -0.59 16.58
N LEU F 129 -4.18 -0.59 15.31
CA LEU F 129 -5.23 -1.48 14.84
C LEU F 129 -4.69 -2.32 13.69
N THR F 130 -4.67 -3.65 13.88
CA THR F 130 -4.21 -4.46 12.75
C THR F 130 -5.28 -5.49 12.46
N PHE F 131 -5.35 -5.97 11.23
CA PHE F 131 -6.34 -6.92 10.77
C PHE F 131 -5.66 -8.22 10.31
N LYS F 132 -6.30 -9.35 10.61
CA LYS F 132 -5.84 -10.65 10.16
C LYS F 132 -7.05 -11.47 9.68
N THR F 133 -6.86 -12.33 8.68
CA THR F 133 -7.81 -13.39 8.38
C THR F 133 -7.55 -14.51 9.38
N SER F 134 -8.39 -15.54 9.45
CA SER F 134 -8.17 -16.67 10.36
C SER F 134 -7.43 -17.83 9.71
N GLU F 135 -7.08 -17.63 8.45
CA GLU F 135 -6.49 -18.69 7.61
C GLU F 135 -7.23 -20.01 7.71
N GLY F 136 -8.56 -20.01 7.75
CA GLY F 136 -9.27 -21.27 7.74
C GLY F 136 -9.58 -21.75 9.14
N LEU F 137 -8.94 -21.15 10.14
CA LEU F 137 -9.17 -21.55 11.52
C LEU F 137 -10.55 -21.17 12.03
N ALA F 138 -11.01 -19.95 11.76
CA ALA F 138 -12.29 -19.49 12.34
C ALA F 138 -13.12 -18.70 11.34
N PRO F 139 -13.53 -19.36 10.26
CA PRO F 139 -14.18 -18.65 9.15
C PRO F 139 -15.54 -18.09 9.50
N SER F 140 -16.17 -18.57 10.59
CA SER F 140 -17.51 -18.05 10.78
C SER F 140 -17.55 -17.08 11.95
N HIS F 141 -16.39 -16.54 12.31
CA HIS F 141 -16.38 -15.70 13.51
C HIS F 141 -15.55 -14.43 13.31
N VAL F 142 -15.86 -13.46 14.14
CA VAL F 142 -14.96 -12.33 14.31
C VAL F 142 -14.30 -12.45 15.68
N GLN F 143 -13.02 -12.16 15.79
CA GLN F 143 -12.26 -12.23 17.01
C GLN F 143 -11.51 -10.93 17.20
N ALA F 144 -11.34 -10.58 18.47
CA ALA F 144 -10.66 -9.36 18.86
C ALA F 144 -9.81 -9.64 20.10
N ARG F 145 -8.58 -9.12 20.09
CA ARG F 145 -7.70 -9.18 21.24
C ARG F 145 -7.01 -7.82 21.37
N ALA F 146 -7.05 -7.31 22.59
CA ALA F 146 -6.65 -5.92 22.81
C ALA F 146 -5.78 -5.74 24.03
N VAL F 147 -4.80 -4.84 23.88
CA VAL F 147 -3.95 -4.40 24.98
C VAL F 147 -4.12 -2.90 25.22
N VAL F 148 -4.28 -2.51 26.49
CA VAL F 148 -4.32 -1.08 26.82
C VAL F 148 -3.23 -0.73 27.82
N LEU F 149 -2.75 0.49 27.69
CA LEU F 149 -1.71 1.07 28.53
C LEU F 149 -2.30 2.33 29.18
N LEU F 150 -2.16 2.48 30.50
CA LEU F 150 -2.64 3.72 31.15
C LEU F 150 -1.54 4.34 32.00
N ASP F 151 -1.54 5.66 32.13
CA ASP F 151 -0.62 6.54 32.82
C ASP F 151 0.72 6.73 32.12
MG MG G . -5.34 1.12 -30.63
MG MG H . -9.37 2.81 -34.27
O3B CDP I . -7.74 1.68 -33.52
PB CDP I . -6.28 2.00 -33.78
O1B CDP I . -5.67 1.77 -32.44
O2B CDP I . -5.82 1.00 -34.86
O3A CDP I . -5.91 3.37 -34.30
PA CDP I . -6.88 4.52 -34.86
O1A CDP I . -6.82 5.85 -34.00
O2A CDP I . -8.15 4.15 -35.41
O5' CDP I . -5.91 4.82 -36.13
C5' CDP I . -5.65 3.80 -37.05
C4' CDP I . -4.69 4.37 -37.98
O4' CDP I . -4.96 5.52 -38.81
C3' CDP I . -3.27 4.64 -37.40
O3' CDP I . -2.54 3.57 -36.77
C2' CDP I . -2.68 5.73 -38.27
O2' CDP I . -2.13 4.90 -39.26
C1' CDP I . -3.73 6.05 -39.27
N1 CDP I . -4.25 7.50 -39.04
C2 CDP I . -4.06 8.49 -40.07
O2 CDP I . -3.46 8.19 -41.13
N3 CDP I . -4.50 9.75 -39.92
C4 CDP I . -5.21 10.16 -38.74
N4 CDP I . -5.68 11.42 -38.59
C5 CDP I . -5.46 9.22 -37.68
C6 CDP I . -4.97 7.94 -37.87
MG MG J . -2.99 13.27 -8.90
MG MG K . -7.91 10.70 -7.79
MG MG L . -3.84 29.28 -27.75
O3B CDP M . -5.90 11.40 -7.49
PB CDP M . -4.73 10.53 -7.78
O1B CDP M . -3.75 11.55 -8.32
O2B CDP M . -4.24 9.97 -6.44
O3A CDP M . -4.75 9.33 -8.70
PA CDP M . -6.03 8.62 -9.32
O1A CDP M . -6.23 8.80 -10.87
O2A CDP M . -7.22 8.78 -8.54
O5' CDP M . -5.50 7.11 -9.13
C5' CDP M . -5.23 6.64 -7.84
C4' CDP M . -4.57 5.35 -7.99
O4' CDP M . -5.34 4.23 -8.46
C3' CDP M . -3.27 5.33 -8.84
O3' CDP M . -2.06 5.98 -8.38
C2' CDP M . -3.21 3.90 -9.35
O2' CDP M . -2.65 3.35 -8.17
C1' CDP M . -4.46 3.22 -8.92
N1 CDP M . -5.35 2.98 -10.17
C2 CDP M . -5.74 1.61 -10.46
O2 CDP M . -5.36 0.68 -9.73
N3 CDP M . -6.51 1.31 -11.53
C4 CDP M . -6.99 2.32 -12.41
N4 CDP M . -7.77 1.97 -13.45
C5 CDP M . -6.67 3.71 -12.20
C6 CDP M . -5.86 3.95 -11.10
O3B CDP N . -1.93 28.73 -28.81
PB CDP N . -0.63 28.40 -28.13
O1B CDP N . -0.18 27.22 -28.94
O2B CDP N . 0.32 29.61 -28.36
O3A CDP N . -0.55 28.12 -26.65
PA CDP N . -1.72 28.32 -25.59
O1A CDP N . -2.28 27.01 -24.89
O2A CDP N . -2.77 29.29 -25.89
O5' CDP N . -0.78 29.04 -24.49
C5' CDP N . -0.07 30.19 -24.87
C4' CDP N . 0.87 30.49 -23.78
O4' CDP N . 0.38 30.67 -22.44
C3' CDP N . 2.06 29.52 -23.62
O3' CDP N . 2.85 29.02 -24.70
C2' CDP N . 2.32 29.43 -22.14
O2' CDP N . 3.30 30.44 -22.11
C1' CDP N . 1.42 30.46 -21.52
N1 CDP N . 0.42 29.79 -20.55
C2 CDP N . 0.42 30.19 -19.16
O2 CDP N . 1.25 31.04 -18.76
N3 CDP N . -0.41 29.67 -18.25
C4 CDP N . -1.39 28.68 -18.62
N4 CDP N . -2.23 28.17 -17.69
C5 CDP N . -1.46 28.22 -19.97
C6 CDP N . -0.57 28.80 -20.87
MG MG O . -0.19 25.84 -30.37
MG MG P . 1.32 -14.09 8.27
O3B CDP Q . -0.89 -14.10 5.48
PB CDP Q . -0.79 -12.76 6.10
O1B CDP Q . 0.19 -12.93 7.24
O2B CDP Q . -0.21 -11.77 5.06
O3A CDP Q . -2.04 -12.06 6.59
PA CDP Q . -3.55 -12.39 6.21
O1A CDP Q . -4.49 -12.87 7.39
O2A CDP Q . -3.81 -13.02 4.94
O5' CDP Q . -3.94 -10.83 5.99
C5' CDP Q . -3.38 -10.06 4.98
C4' CDP Q . -3.86 -8.70 5.18
O4' CDP Q . -5.24 -8.35 4.92
C3' CDP Q . -3.50 -8.04 6.55
O3' CDP Q . -2.12 -7.82 6.95
C2' CDP Q . -4.63 -7.03 6.76
O2' CDP Q . -4.02 -5.98 6.04
C1' CDP Q . -5.52 -7.11 5.57
N1 CDP Q . -6.89 -7.65 6.05
C2 CDP Q . -8.09 -6.85 5.89
O2 CDP Q . -8.07 -5.73 5.37
N3 CDP Q . -9.30 -7.28 6.32
C4 CDP Q . -9.46 -8.55 6.94
N4 CDP Q . -10.69 -8.96 7.32
C5 CDP Q . -8.33 -9.42 7.15
C6 CDP Q . -7.11 -8.91 6.71
MG MG R . -0.75 -26.10 30.40
MG MG S . 0.36 -30.51 26.87
MG MG T . -22.14 -14.17 23.89
O3B CDP U . 0.27 -28.82 28.58
PB CDP U . 1.42 -27.84 28.63
O1B CDP U . 0.75 -26.74 29.39
O2B CDP U . 2.56 -28.48 29.44
O3A CDP U . 2.06 -27.36 27.37
PA CDP U . 2.12 -28.07 25.95
O1A CDP U . 1.56 -27.19 24.74
O2A CDP U . 1.90 -29.49 25.82
O5' CDP U . 3.71 -27.80 25.77
C5' CDP U . 4.65 -28.52 26.54
C4' CDP U . 5.90 -27.94 26.13
O4' CDP U . 6.64 -28.35 24.95
C3' CDP U . 6.09 -26.42 26.33
O3' CDP U . 6.01 -25.83 27.67
C2' CDP U . 7.19 -26.09 25.34
O2' CDP U . 8.25 -26.34 26.23
C1' CDP U . 7.57 -27.36 24.65
N1 CDP U . 7.04 -27.28 23.19
C2 CDP U . 7.98 -27.41 22.13
O2 CDP U . 9.20 -27.56 22.31
N3 CDP U . 7.61 -27.35 20.83
C4 CDP U . 6.22 -27.16 20.49
N4 CDP U . 5.95 -27.12 19.18
C5 CDP U . 5.21 -27.00 21.49
C6 CDP U . 5.66 -27.08 22.81
O3B CDP V . -21.29 -12.20 24.21
PB CDP V . -20.33 -11.62 25.19
O1B CDP V . -19.34 -10.90 24.33
O2B CDP V . -21.10 -10.67 26.14
O3A CDP V . -19.55 -12.51 26.15
PA CDP V . -19.70 -14.04 26.37
O1A CDP V . -18.42 -14.91 25.94
O2A CDP V . -20.92 -14.77 26.12
O5' CDP V . -19.57 -13.94 28.00
C5' CDP V . -20.48 -13.14 28.71
C4' CDP V . -20.03 -13.11 30.08
O4' CDP V . -20.05 -14.27 30.93
C3' CDP V . -18.73 -12.35 30.42
O3' CDP V . -18.47 -11.00 29.99
C2' CDP V . -18.25 -12.99 31.70
O2' CDP V . -18.99 -12.22 32.61
C1' CDP V . -19.20 -14.09 32.03
N1 CDP V . -18.63 -15.51 31.84
C2 CDP V . -18.44 -16.36 33.00
O2 CDP V . -18.73 -15.93 34.12
N3 CDP V . -17.94 -17.61 32.87
C4 CDP V . -17.60 -18.15 31.59
N4 CDP V . -17.12 -19.39 31.49
C5 CDP V . -17.78 -17.38 30.39
C6 CDP V . -18.28 -16.11 30.58
MG MG W . -18.63 -9.74 22.83
MG MG X . -2.73 -14.93 4.45
#